data_5E51
#
_entry.id   5E51
#
_cell.length_a   58.379
_cell.length_b   58.379
_cell.length_c   257.397
_cell.angle_alpha   90.00
_cell.angle_beta   90.00
_cell.angle_gamma   120.00
#
_symmetry.space_group_name_H-M   'P 31'
#
loop_
_entity.id
_entity.type
_entity.pdbx_description
1 polymer 'L,D-transpeptidase 1'
2 non-polymer (3R)-3-hydroxybutanal
3 water water
#
_entity_poly.entity_id   1
_entity_poly.type   'polypeptide(L)'
_entity_poly.pdbx_seq_one_letter_code
;GHMPLQPIPGVASVSPANGAVVGVAHPVVVTFTTPVTDRRAVERSIRISTPHNTTGHFEWVASNVVRWVPHRYWPPHTRV
SVGVQELTEGFETGDALIGVASISAHTFTVSRNGEVLRTMPASLGKPSRPTPIGSFHAMSKERTVVMDSRTIGIPLNSSD
GYLLTAHYAVRVTWSGVYVHSAPWSVNSQGYANVSHGCINLSPDNAAWYFDAVTVGDPIEVVG
;
_entity_poly.pdbx_strand_id   A,B,C,D
#
# COMPACT_ATOMS: atom_id res chain seq x y z
N VAL A 14 20.79 -7.99 -38.73
CA VAL A 14 20.92 -6.57 -39.01
C VAL A 14 19.89 -5.67 -38.28
N SER A 15 20.41 -4.65 -37.60
CA SER A 15 19.62 -3.59 -36.98
C SER A 15 20.30 -2.26 -37.35
N PRO A 16 19.54 -1.17 -37.56
CA PRO A 16 18.10 -0.92 -37.50
C PRO A 16 17.24 -1.76 -38.46
N ALA A 17 15.97 -1.90 -38.09
CA ALA A 17 15.01 -2.62 -38.93
C ALA A 17 14.37 -1.62 -39.89
N ASN A 18 13.50 -2.10 -40.77
CA ASN A 18 12.97 -1.27 -41.85
C ASN A 18 12.04 -0.14 -41.43
N GLY A 19 12.38 1.09 -41.82
CA GLY A 19 11.48 2.21 -41.64
C GLY A 19 11.58 2.82 -40.27
N ALA A 20 12.20 2.08 -39.36
CA ALA A 20 12.23 2.40 -37.93
C ALA A 20 12.67 3.83 -37.69
N VAL A 21 11.80 4.62 -37.08
CA VAL A 21 12.11 6.00 -36.72
C VAL A 21 12.99 6.01 -35.46
N VAL A 22 14.26 6.32 -35.62
CA VAL A 22 15.21 6.27 -34.51
C VAL A 22 15.90 7.60 -34.20
N GLY A 23 16.93 7.53 -33.36
CA GLY A 23 17.69 8.70 -32.97
C GLY A 23 19.15 8.68 -33.41
N VAL A 24 19.85 9.77 -33.14
CA VAL A 24 21.09 10.04 -33.83
C VAL A 24 22.35 9.52 -33.11
N ALA A 25 22.18 8.74 -32.06
CA ALA A 25 23.33 8.03 -31.51
C ALA A 25 23.15 6.53 -31.71
N HIS A 26 22.07 6.18 -32.42
CA HIS A 26 21.70 4.81 -32.69
C HIS A 26 22.71 4.14 -33.62
N PRO A 27 23.29 3.02 -33.16
CA PRO A 27 24.31 2.34 -33.96
C PRO A 27 23.75 1.61 -35.16
N VAL A 28 24.61 1.27 -36.13
CA VAL A 28 24.15 0.36 -37.15
C VAL A 28 24.66 -0.94 -36.62
N VAL A 29 23.86 -2.00 -36.61
CA VAL A 29 24.31 -3.26 -36.01
C VAL A 29 24.05 -4.43 -36.93
N VAL A 30 25.13 -5.13 -37.28
CA VAL A 30 25.07 -6.30 -38.15
C VAL A 30 25.65 -7.53 -37.49
N THR A 31 24.91 -8.64 -37.51
CA THR A 31 25.38 -9.95 -37.08
C THR A 31 25.39 -10.88 -38.27
N ASP A 38 38.06 -13.25 -39.81
CA ASP A 38 38.59 -12.01 -40.39
C ASP A 38 37.52 -10.92 -40.31
N ARG A 39 37.73 -9.98 -39.39
CA ARG A 39 36.79 -8.90 -39.09
C ARG A 39 36.79 -7.83 -40.15
N ARG A 40 37.98 -7.60 -40.71
CA ARG A 40 38.21 -6.60 -41.73
C ARG A 40 37.63 -7.03 -43.06
N ALA A 41 37.19 -8.27 -43.13
CA ALA A 41 36.64 -8.80 -44.37
C ALA A 41 35.19 -8.42 -44.49
N VAL A 42 34.46 -8.61 -43.41
CA VAL A 42 33.05 -8.31 -43.40
C VAL A 42 32.87 -6.81 -43.16
N GLU A 43 33.88 -6.16 -42.57
CA GLU A 43 33.90 -4.71 -42.49
C GLU A 43 33.88 -4.00 -43.86
N ARG A 44 34.26 -4.70 -44.93
CA ARG A 44 34.33 -4.12 -46.28
C ARG A 44 33.09 -4.33 -47.14
N SER A 45 32.34 -5.37 -46.81
CA SER A 45 31.05 -5.73 -47.42
C SER A 45 29.93 -4.89 -46.82
N ILE A 46 30.29 -4.07 -45.86
CA ILE A 46 29.34 -3.18 -45.23
C ILE A 46 29.66 -1.76 -45.69
N ARG A 47 28.63 -1.02 -46.07
CA ARG A 47 28.74 0.41 -46.35
C ARG A 47 27.45 1.11 -46.06
N ILE A 48 27.59 2.29 -45.47
CA ILE A 48 26.49 3.13 -45.06
C ILE A 48 26.35 4.25 -46.06
N SER A 49 25.18 4.39 -46.68
CA SER A 49 24.97 5.43 -47.68
C SER A 49 24.16 6.55 -47.04
N THR A 50 24.79 7.71 -46.93
CA THR A 50 24.18 8.91 -46.35
C THR A 50 24.28 10.04 -47.38
N PRO A 51 23.31 10.98 -47.36
CA PRO A 51 23.25 12.17 -48.21
C PRO A 51 24.53 13.01 -48.30
N HIS A 52 25.21 13.19 -47.17
CA HIS A 52 26.46 13.93 -47.12
C HIS A 52 27.56 12.99 -46.71
N ASN A 53 27.42 11.74 -47.14
CA ASN A 53 28.41 10.70 -46.90
C ASN A 53 28.90 10.66 -45.45
N THR A 54 27.95 10.46 -44.52
CA THR A 54 28.29 10.41 -43.10
C THR A 54 29.31 9.30 -42.86
N THR A 55 30.34 9.64 -42.10
CA THR A 55 31.43 8.74 -41.78
C THR A 55 31.16 8.05 -40.46
N GLY A 56 32.06 7.18 -40.04
CA GLY A 56 31.94 6.55 -38.73
C GLY A 56 33.14 5.67 -38.53
N HIS A 57 33.02 4.68 -37.64
CA HIS A 57 34.11 3.74 -37.44
C HIS A 57 33.44 2.43 -37.10
N PHE A 58 34.22 1.37 -36.99
CA PHE A 58 33.64 0.10 -36.56
C PHE A 58 33.96 -0.25 -35.12
N GLU A 59 33.08 -1.08 -34.57
CA GLU A 59 33.21 -1.57 -33.18
C GLU A 59 32.77 -3.03 -33.08
N TRP A 60 33.65 -3.93 -32.63
CA TRP A 60 33.30 -5.34 -32.45
C TRP A 60 33.03 -5.68 -30.98
N ASN A 64 30.48 -13.43 -35.11
CA ASN A 64 30.18 -12.40 -34.12
C ASN A 64 29.44 -11.19 -34.63
N VAL A 65 29.51 -10.10 -33.84
CA VAL A 65 28.73 -8.91 -34.13
C VAL A 65 29.57 -7.63 -34.07
N VAL A 66 29.55 -6.90 -35.19
CA VAL A 66 30.15 -5.59 -35.34
C VAL A 66 29.05 -4.54 -35.60
N ARG A 67 29.24 -3.35 -35.03
CA ARG A 67 28.40 -2.20 -35.32
C ARG A 67 29.18 -1.02 -35.94
N TRP A 68 28.48 -0.22 -36.75
CA TRP A 68 29.02 0.98 -37.35
C TRP A 68 28.28 2.15 -36.71
N VAL A 69 29.01 3.10 -36.18
CA VAL A 69 28.35 4.21 -35.51
C VAL A 69 28.84 5.54 -36.11
N PRO A 70 27.91 6.48 -36.37
CA PRO A 70 28.23 7.82 -36.88
C PRO A 70 29.03 8.60 -35.85
N HIS A 71 30.00 9.39 -36.30
CA HIS A 71 31.02 9.94 -35.39
C HIS A 71 30.63 11.19 -34.61
N ARG A 72 29.71 11.98 -35.16
CA ARG A 72 29.23 13.16 -34.46
C ARG A 72 27.73 13.12 -34.49
N TYR A 73 27.21 11.99 -34.03
CA TYR A 73 25.80 11.68 -33.99
C TYR A 73 25.43 11.42 -35.46
N TRP A 74 24.13 11.38 -35.77
CA TRP A 74 23.68 11.41 -37.15
C TRP A 74 23.41 12.87 -37.48
N PRO A 75 23.06 13.15 -38.74
CA PRO A 75 22.30 14.34 -39.08
C PRO A 75 20.82 14.08 -38.81
N PRO A 76 20.12 15.02 -38.17
CA PRO A 76 18.68 14.97 -37.95
C PRO A 76 17.80 14.92 -39.21
N HIS A 77 16.79 14.05 -39.17
CA HIS A 77 15.78 13.91 -40.20
C HIS A 77 16.36 13.43 -41.51
N THR A 78 17.55 12.86 -41.42
CA THR A 78 18.19 12.22 -42.56
C THR A 78 17.76 10.76 -42.71
N ARG A 79 17.52 10.38 -43.96
CA ARG A 79 17.29 9.00 -44.34
C ARG A 79 18.61 8.25 -44.44
N VAL A 80 18.71 7.12 -43.75
CA VAL A 80 19.92 6.29 -43.74
C VAL A 80 19.72 4.96 -44.46
N SER A 81 20.69 4.62 -45.32
CA SER A 81 20.66 3.36 -46.05
C SER A 81 21.85 2.51 -45.62
N VAL A 82 21.62 1.21 -45.50
CA VAL A 82 22.64 0.30 -45.08
C VAL A 82 22.67 -0.85 -46.07
N GLY A 83 23.80 -1.05 -46.74
CA GLY A 83 23.92 -2.13 -47.68
C GLY A 83 24.89 -3.14 -47.15
N VAL A 84 24.46 -4.38 -46.98
CA VAL A 84 25.33 -5.46 -46.49
C VAL A 84 25.06 -6.71 -47.35
N GLN A 85 26.09 -7.14 -48.06
CA GLN A 85 25.96 -8.13 -49.14
C GLN A 85 24.90 -7.75 -50.19
N GLU A 86 23.94 -8.64 -50.37
CA GLU A 86 22.88 -8.51 -51.37
C GLU A 86 21.64 -7.94 -50.70
N LEU A 87 21.79 -7.60 -49.43
CA LEU A 87 20.67 -7.08 -48.67
C LEU A 87 20.94 -5.68 -48.19
N THR A 88 19.94 -4.81 -48.42
CA THR A 88 20.04 -3.41 -48.12
C THR A 88 18.76 -2.96 -47.42
N GLU A 89 18.90 -2.38 -46.23
CA GLU A 89 17.73 -1.96 -45.47
C GLU A 89 17.89 -0.51 -44.99
N GLY A 90 16.79 0.19 -44.75
CA GLY A 90 16.87 1.60 -44.37
C GLY A 90 15.92 2.15 -43.30
N PHE A 91 16.31 3.28 -42.72
CA PHE A 91 15.56 3.91 -41.64
C PHE A 91 15.68 5.42 -41.63
N GLU A 92 14.73 6.09 -40.99
CA GLU A 92 14.74 7.54 -40.94
C GLU A 92 14.94 8.04 -39.50
N THR A 93 15.71 9.12 -39.37
CA THR A 93 15.93 9.78 -38.10
C THR A 93 14.90 10.88 -37.83
N GLY A 94 14.39 10.95 -36.60
CA GLY A 94 13.51 12.03 -36.21
C GLY A 94 14.33 13.18 -35.68
N ASP A 95 13.78 13.90 -34.71
CA ASP A 95 14.50 14.99 -34.07
C ASP A 95 15.79 14.53 -33.41
N ALA A 96 16.69 15.47 -33.14
CA ALA A 96 17.88 15.20 -32.34
C ALA A 96 17.63 15.59 -30.88
N LEU A 97 17.36 14.60 -30.04
CA LEU A 97 17.16 14.79 -28.61
C LEU A 97 18.33 14.28 -27.78
N ILE A 98 19.01 15.18 -27.08
CA ILE A 98 20.17 14.80 -26.31
C ILE A 98 20.01 15.05 -24.80
N GLY A 99 20.31 14.04 -23.99
CA GLY A 99 20.23 14.16 -22.56
C GLY A 99 21.59 13.89 -21.94
N VAL A 100 22.08 14.81 -21.10
CA VAL A 100 23.43 14.69 -20.57
C VAL A 100 23.46 14.60 -19.05
N ALA A 101 24.19 13.60 -18.56
CA ALA A 101 24.24 13.26 -17.15
C ALA A 101 25.57 13.65 -16.53
N SER A 102 25.59 14.83 -15.92
CA SER A 102 26.81 15.37 -15.31
C SER A 102 26.95 14.85 -13.87
N ILE A 103 28.06 14.16 -13.61
CA ILE A 103 28.32 13.55 -12.30
C ILE A 103 28.76 14.58 -11.23
N SER A 104 29.41 15.66 -11.65
CA SER A 104 29.79 16.74 -10.74
C SER A 104 28.59 17.53 -10.23
N ALA A 105 27.65 17.82 -11.13
CA ALA A 105 26.54 18.73 -10.84
C ALA A 105 25.33 18.00 -10.34
N HIS A 106 25.32 16.68 -10.55
CA HIS A 106 24.20 15.83 -10.22
C HIS A 106 22.98 16.14 -11.07
N THR A 107 23.18 16.12 -12.38
CA THR A 107 22.15 16.48 -13.32
C THR A 107 22.03 15.51 -14.49
N PHE A 108 20.83 15.49 -15.06
CA PHE A 108 20.52 14.92 -16.38
C PHE A 108 19.79 15.99 -17.13
N THR A 109 20.55 16.62 -18.02
CA THR A 109 20.08 17.70 -18.88
C THR A 109 19.52 17.19 -20.18
N VAL A 110 18.30 17.57 -20.54
CA VAL A 110 17.74 17.17 -21.84
C VAL A 110 17.54 18.35 -22.79
N SER A 111 18.06 18.18 -24.01
CA SER A 111 17.97 19.17 -25.07
C SER A 111 17.30 18.49 -26.27
N ARG A 112 16.52 19.24 -27.04
CA ARG A 112 16.00 18.77 -28.32
C ARG A 112 16.30 19.77 -29.44
N ASN A 113 17.18 19.39 -30.35
CA ASN A 113 17.69 20.27 -31.41
C ASN A 113 18.21 21.63 -30.96
N GLY A 114 19.26 21.65 -30.15
CA GLY A 114 19.96 22.90 -29.87
C GLY A 114 19.61 23.50 -28.53
N GLU A 115 18.31 23.64 -28.29
CA GLU A 115 17.77 24.20 -27.06
C GLU A 115 17.53 23.11 -26.00
N VAL A 116 18.03 23.36 -24.80
CA VAL A 116 17.72 22.52 -23.66
C VAL A 116 16.26 22.75 -23.37
N LEU A 117 15.54 21.67 -23.08
CA LEU A 117 14.12 21.77 -22.81
C LEU A 117 13.93 21.76 -21.32
N ARG A 118 14.62 20.83 -20.69
CA ARG A 118 14.37 20.55 -19.29
C ARG A 118 15.66 19.97 -18.75
N THR A 119 16.30 20.70 -17.85
CA THR A 119 17.50 20.25 -17.15
C THR A 119 17.06 19.74 -15.81
N MET A 120 17.04 18.43 -15.69
CA MET A 120 16.52 17.75 -14.51
C MET A 120 17.60 17.14 -13.64
N PRO A 121 17.51 17.40 -12.33
CA PRO A 121 18.38 16.82 -11.32
C PRO A 121 18.33 15.28 -11.27
N ALA A 122 19.47 14.62 -11.37
CA ALA A 122 19.48 13.16 -11.48
C ALA A 122 20.39 12.50 -10.45
N SER A 123 19.98 11.31 -10.02
CA SER A 123 20.80 10.49 -9.16
C SER A 123 21.40 9.38 -9.98
N LEU A 124 22.70 9.49 -10.22
CA LEU A 124 23.38 8.61 -11.15
C LEU A 124 24.23 7.60 -10.40
N GLY A 125 23.56 6.60 -9.84
CA GLY A 125 24.23 5.60 -9.04
C GLY A 125 24.41 6.09 -7.63
N LYS A 126 25.50 5.64 -7.04
CA LYS A 126 25.89 6.00 -5.69
C LYS A 126 27.42 6.07 -5.62
N PRO A 127 27.97 6.91 -4.72
CA PRO A 127 29.40 7.10 -4.43
C PRO A 127 30.27 5.85 -4.41
N SER A 128 29.70 4.71 -4.75
CA SER A 128 30.44 3.48 -4.76
C SER A 128 30.53 3.08 -6.21
N ARG A 129 29.35 2.98 -6.81
CA ARG A 129 29.22 2.68 -8.22
C ARG A 129 28.33 3.71 -8.83
N PRO A 130 28.91 4.87 -9.21
CA PRO A 130 28.27 5.96 -9.92
C PRO A 130 28.11 5.57 -11.39
N THR A 131 27.26 6.25 -12.15
CA THR A 131 27.08 5.95 -13.57
C THR A 131 28.37 6.12 -14.39
N PRO A 132 28.70 5.09 -15.19
CA PRO A 132 29.91 5.08 -16.00
C PRO A 132 29.86 6.10 -17.12
N ILE A 133 30.77 7.06 -17.06
CA ILE A 133 30.86 8.14 -18.03
C ILE A 133 31.11 7.60 -19.45
N GLY A 134 30.35 8.11 -20.43
CA GLY A 134 30.42 7.61 -21.80
C GLY A 134 29.29 8.07 -22.72
N SER A 135 29.23 7.47 -23.92
CA SER A 135 28.30 7.88 -24.98
C SER A 135 27.34 6.77 -25.42
N PHE A 136 26.05 7.03 -25.28
CA PHE A 136 25.06 6.00 -25.54
C PHE A 136 23.79 6.53 -26.21
N HIS A 137 22.94 5.57 -26.54
CA HIS A 137 21.61 5.79 -27.07
C HIS A 137 20.50 5.25 -26.14
N ALA A 138 19.26 5.67 -26.37
CA ALA A 138 18.15 5.09 -25.66
C ALA A 138 17.79 3.75 -26.31
N MET A 139 17.99 2.66 -25.58
CA MET A 139 17.85 1.30 -26.11
C MET A 139 16.45 0.72 -26.08
N SER A 140 15.69 1.07 -25.05
CA SER A 140 14.39 0.50 -24.87
C SER A 140 13.56 1.38 -23.97
N LYS A 141 12.26 1.24 -24.09
CA LYS A 141 11.30 1.94 -23.28
C LYS A 141 10.40 0.93 -22.60
N GLU A 142 10.49 0.87 -21.28
CA GLU A 142 9.66 -0.04 -20.47
C GLU A 142 8.86 0.71 -19.43
N ARG A 143 7.55 0.71 -19.55
CA ARG A 143 6.69 1.48 -18.63
C ARG A 143 6.92 1.18 -17.14
N THR A 144 6.86 -0.10 -16.76
CA THR A 144 7.27 -0.54 -15.44
C THR A 144 8.11 -1.80 -15.65
N VAL A 145 9.28 -1.86 -15.01
CA VAL A 145 10.12 -3.06 -15.05
C VAL A 145 10.57 -3.39 -13.64
N VAL A 146 10.40 -4.64 -13.22
CA VAL A 146 10.83 -5.06 -11.89
C VAL A 146 12.29 -5.47 -11.92
N MET A 147 13.06 -4.94 -10.96
CA MET A 147 14.49 -5.19 -10.91
C MET A 147 14.89 -5.99 -9.65
N ASP A 148 15.34 -7.22 -9.87
CA ASP A 148 15.70 -8.16 -8.80
C ASP A 148 17.19 -8.55 -8.81
N SER A 149 17.92 -8.15 -7.77
CA SER A 149 19.37 -8.39 -7.72
C SER A 149 19.71 -9.87 -7.50
N ARG A 150 18.73 -10.64 -7.04
CA ARG A 150 18.92 -12.06 -6.80
C ARG A 150 19.14 -12.81 -8.12
N THR A 151 18.70 -12.18 -9.21
CA THR A 151 18.73 -12.78 -10.54
C THR A 151 20.13 -12.90 -11.12
N ILE A 152 21.09 -12.17 -10.55
CA ILE A 152 22.48 -12.33 -10.95
C ILE A 152 23.43 -12.52 -9.76
N GLY A 153 22.89 -12.69 -8.55
CA GLY A 153 23.70 -13.15 -7.45
C GLY A 153 23.92 -12.25 -6.24
N ILE A 154 23.18 -11.14 -6.16
CA ILE A 154 23.35 -10.21 -5.05
C ILE A 154 22.23 -10.34 -4.03
N PRO A 155 22.60 -10.60 -2.77
CA PRO A 155 21.60 -10.71 -1.70
C PRO A 155 20.90 -9.38 -1.50
N LEU A 156 19.67 -9.43 -0.99
CA LEU A 156 18.90 -8.21 -0.84
C LEU A 156 19.33 -7.46 0.42
N ASN A 157 20.03 -8.14 1.32
CA ASN A 157 20.57 -7.47 2.50
C ASN A 157 21.96 -6.87 2.23
N SER A 158 22.44 -7.02 1.00
CA SER A 158 23.68 -6.35 0.61
C SER A 158 23.36 -4.88 0.41
N SER A 159 24.36 -4.03 0.62
CA SER A 159 24.19 -2.60 0.40
C SER A 159 23.97 -2.25 -1.06
N ASP A 160 24.37 -3.17 -1.94
CA ASP A 160 24.08 -3.08 -3.36
C ASP A 160 23.00 -4.08 -3.73
N GLY A 161 22.09 -4.35 -2.79
CA GLY A 161 21.02 -5.30 -3.05
C GLY A 161 19.69 -4.58 -3.11
N TYR A 162 18.76 -5.15 -3.88
CA TYR A 162 17.51 -4.48 -4.21
C TYR A 162 16.49 -5.46 -4.74
N LEU A 163 15.23 -5.08 -4.58
CA LEU A 163 14.09 -5.66 -5.28
C LEU A 163 13.16 -4.50 -5.61
N LEU A 164 13.18 -4.01 -6.85
CA LEU A 164 12.35 -2.85 -7.18
C LEU A 164 11.62 -2.88 -8.51
N THR A 165 10.45 -2.25 -8.53
CA THR A 165 9.68 -2.10 -9.74
C THR A 165 9.94 -0.69 -10.21
N ALA A 166 10.73 -0.56 -11.27
CA ALA A 166 11.07 0.74 -11.83
C ALA A 166 9.93 1.26 -12.70
N HIS A 167 9.74 2.57 -12.71
CA HIS A 167 8.71 3.14 -13.57
C HIS A 167 9.36 4.02 -14.63
N TYR A 168 8.76 4.06 -15.82
CA TYR A 168 9.28 4.85 -16.92
C TYR A 168 10.75 4.55 -17.20
N ALA A 169 11.03 3.31 -17.55
CA ALA A 169 12.41 2.88 -17.63
C ALA A 169 12.88 2.95 -19.06
N VAL A 170 13.88 3.81 -19.27
CA VAL A 170 14.55 3.90 -20.55
C VAL A 170 15.92 3.27 -20.36
N ARG A 171 16.16 2.17 -21.07
CA ARG A 171 17.45 1.49 -21.02
C ARG A 171 18.53 2.32 -21.69
N VAL A 172 19.68 2.33 -21.06
CA VAL A 172 20.87 3.05 -21.47
C VAL A 172 21.88 2.07 -22.09
N THR A 173 22.16 0.98 -21.36
CA THR A 173 23.09 -0.03 -21.86
C THR A 173 22.54 -1.47 -21.83
N TRP A 174 23.18 -2.34 -22.61
CA TRP A 174 22.97 -3.78 -22.51
C TRP A 174 23.33 -4.25 -21.11
N SER A 175 24.32 -3.60 -20.52
CA SER A 175 24.85 -3.98 -19.21
C SER A 175 23.86 -3.78 -18.08
N GLY A 176 22.72 -3.16 -18.38
CA GLY A 176 21.63 -2.99 -17.42
C GLY A 176 21.42 -1.61 -16.85
N VAL A 177 22.15 -0.62 -17.37
CA VAL A 177 21.94 0.77 -16.96
C VAL A 177 20.63 1.29 -17.57
N TYR A 178 19.87 2.05 -16.77
CA TYR A 178 18.50 2.50 -17.09
C TYR A 178 18.23 3.95 -16.73
N VAL A 179 17.44 4.65 -17.55
CA VAL A 179 16.83 5.92 -17.17
C VAL A 179 15.45 5.66 -16.57
N HIS A 180 15.27 5.96 -15.29
CA HIS A 180 13.98 5.73 -14.63
C HIS A 180 13.82 6.60 -13.38
N ALA A 192 19.21 10.17 -3.66
CA ALA A 192 18.82 8.76 -3.79
C ALA A 192 20.00 7.81 -3.92
N ASN A 193 19.96 6.72 -3.16
CA ASN A 193 21.07 5.77 -3.10
C ASN A 193 20.83 4.58 -4.04
N VAL A 194 20.93 4.89 -5.33
CA VAL A 194 20.65 4.01 -6.46
C VAL A 194 21.81 3.09 -6.78
N SER A 195 21.54 1.88 -7.23
CA SER A 195 22.58 0.89 -7.51
C SER A 195 22.81 0.71 -9.00
N HIS A 196 23.84 -0.06 -9.35
CA HIS A 196 24.21 -0.42 -10.72
C HIS A 196 24.68 0.80 -11.49
N GLY A 197 24.56 1.98 -10.87
CA GLY A 197 24.94 3.22 -11.52
C GLY A 197 23.76 3.76 -12.30
N CYS A 198 22.61 3.15 -12.11
CA CYS A 198 21.44 3.56 -12.84
C CYS A 198 21.07 4.99 -12.49
N ILE A 199 20.27 5.60 -13.35
CA ILE A 199 19.92 7.02 -13.24
C ILE A 199 18.51 7.21 -12.69
N ASN A 200 18.36 7.94 -11.59
CA ASN A 200 17.05 8.09 -10.94
C ASN A 200 16.47 9.51 -11.01
N LEU A 201 15.31 9.65 -11.65
CA LEU A 201 14.66 10.96 -11.79
C LEU A 201 13.37 10.99 -10.96
N SER A 202 12.78 12.18 -10.79
CA SER A 202 11.48 12.32 -10.17
C SER A 202 10.44 11.67 -11.04
N PRO A 203 9.32 11.23 -10.44
CA PRO A 203 8.19 10.68 -11.20
C PRO A 203 7.65 11.60 -12.30
N ASP A 204 7.61 12.91 -12.02
CA ASP A 204 7.10 13.89 -12.96
C ASP A 204 8.07 14.14 -14.12
N ASN A 205 9.37 14.10 -13.79
CA ASN A 205 10.47 14.25 -14.73
C ASN A 205 10.73 13.03 -15.60
N ALA A 206 10.63 11.85 -14.99
CA ALA A 206 10.86 10.58 -15.65
C ALA A 206 9.72 10.23 -16.62
N ALA A 207 8.58 10.88 -16.44
CA ALA A 207 7.43 10.66 -17.30
C ALA A 207 7.60 11.38 -18.61
N TRP A 208 8.10 12.60 -18.50
CA TRP A 208 8.32 13.42 -19.67
C TRP A 208 9.39 12.86 -20.57
N TYR A 209 10.52 12.46 -19.99
CA TYR A 209 11.61 11.90 -20.80
C TYR A 209 11.13 10.67 -21.51
N PHE A 210 10.30 9.89 -20.83
CA PHE A 210 9.76 8.68 -21.40
C PHE A 210 8.79 8.94 -22.56
N ASP A 211 7.98 9.98 -22.45
CA ASP A 211 7.02 10.32 -23.52
C ASP A 211 7.71 11.01 -24.70
N ALA A 212 8.77 11.75 -24.41
CA ALA A 212 9.50 12.54 -25.39
C ALA A 212 10.53 11.72 -26.18
N VAL A 213 10.91 10.56 -25.62
CA VAL A 213 12.04 9.78 -26.13
C VAL A 213 11.60 8.69 -27.11
N THR A 214 12.44 8.42 -28.09
CA THR A 214 12.28 7.28 -28.99
C THR A 214 13.64 6.62 -28.93
N VAL A 215 13.71 5.35 -29.30
CA VAL A 215 14.97 4.63 -29.20
C VAL A 215 15.99 5.32 -30.10
N GLY A 216 17.24 5.34 -29.68
CA GLY A 216 18.26 5.95 -30.51
C GLY A 216 18.65 7.32 -30.02
N ASP A 217 17.76 7.90 -29.24
CA ASP A 217 17.99 9.20 -28.66
C ASP A 217 19.28 9.18 -27.85
N PRO A 218 20.28 9.98 -28.26
CA PRO A 218 21.62 10.09 -27.64
C PRO A 218 21.61 10.22 -26.10
N ILE A 219 22.54 9.50 -25.47
CA ILE A 219 22.72 9.50 -24.02
C ILE A 219 24.20 9.70 -23.64
N GLU A 220 24.47 10.82 -22.97
CA GLU A 220 25.85 11.16 -22.63
C GLU A 220 26.06 11.30 -21.13
N VAL A 221 27.00 10.52 -20.60
CA VAL A 221 27.42 10.67 -19.22
C VAL A 221 28.77 11.32 -19.25
N VAL A 222 28.91 12.42 -18.52
CA VAL A 222 30.15 13.18 -18.48
C VAL A 222 30.38 13.71 -17.09
N GLY A 223 31.41 14.54 -16.96
CA GLY A 223 31.66 15.25 -15.72
C GLY A 223 31.15 16.68 -15.81
N PRO B 7 24.74 -17.56 11.73
CA PRO B 7 23.66 -17.11 10.84
C PRO B 7 23.73 -17.78 9.47
N ILE B 8 22.76 -17.59 8.57
CA ILE B 8 21.58 -16.75 8.78
C ILE B 8 20.33 -17.57 9.08
N PRO B 9 19.46 -17.04 9.95
CA PRO B 9 18.18 -17.67 10.31
C PRO B 9 17.42 -18.15 9.09
N GLY B 10 16.87 -19.36 9.17
CA GLY B 10 16.15 -19.94 8.06
C GLY B 10 14.71 -19.46 8.01
N VAL B 11 13.89 -20.18 7.27
CA VAL B 11 12.51 -19.81 7.11
C VAL B 11 11.65 -21.02 7.40
N ALA B 12 10.53 -20.78 8.07
CA ALA B 12 9.56 -21.84 8.29
C ALA B 12 8.35 -21.58 7.42
N SER B 13 7.84 -20.37 7.54
CA SER B 13 6.60 -19.98 6.88
C SER B 13 6.60 -18.53 6.40
N VAL B 14 6.05 -18.31 5.21
CA VAL B 14 5.68 -16.97 4.79
C VAL B 14 4.17 -16.93 4.62
N SER B 15 3.52 -15.98 5.28
CA SER B 15 2.09 -15.82 5.15
C SER B 15 1.71 -14.39 4.76
N PRO B 16 0.77 -14.25 3.81
CA PRO B 16 0.04 -15.28 3.04
C PRO B 16 0.91 -16.23 2.21
N ALA B 17 0.33 -17.40 1.93
CA ALA B 17 0.92 -18.45 1.12
C ALA B 17 0.58 -18.32 -0.37
N ASN B 18 0.91 -19.35 -1.13
CA ASN B 18 0.77 -19.32 -2.59
C ASN B 18 -0.66 -19.17 -3.12
N GLY B 19 -0.86 -18.13 -3.92
CA GLY B 19 -2.12 -17.94 -4.64
C GLY B 19 -3.17 -17.21 -3.83
N ALA B 20 -2.92 -17.11 -2.53
CA ALA B 20 -3.92 -16.64 -1.58
C ALA B 20 -4.56 -15.31 -1.93
N VAL B 21 -5.85 -15.37 -2.24
CA VAL B 21 -6.65 -14.17 -2.44
C VAL B 21 -7.05 -13.71 -1.04
N VAL B 22 -6.47 -12.58 -0.59
CA VAL B 22 -6.59 -12.10 0.80
C VAL B 22 -7.42 -10.84 0.91
N GLY B 23 -7.31 -10.15 2.04
CA GLY B 23 -7.99 -8.87 2.19
C GLY B 23 -6.90 -7.84 2.29
N VAL B 24 -7.23 -6.55 2.21
CA VAL B 24 -6.19 -5.60 1.84
C VAL B 24 -5.43 -5.07 3.05
N ALA B 25 -5.69 -5.66 4.21
CA ALA B 25 -4.90 -5.40 5.41
C ALA B 25 -4.14 -6.64 5.84
N HIS B 26 -4.12 -7.68 5.01
CA HIS B 26 -3.47 -8.91 5.41
C HIS B 26 -1.99 -8.62 5.50
N PRO B 27 -1.40 -8.86 6.69
CA PRO B 27 0.02 -8.64 6.92
C PRO B 27 0.90 -9.74 6.34
N VAL B 28 2.19 -9.48 6.25
CA VAL B 28 3.14 -10.48 5.82
C VAL B 28 3.74 -11.13 7.07
N VAL B 29 3.94 -12.44 7.07
CA VAL B 29 4.56 -13.05 8.25
C VAL B 29 5.67 -14.03 7.88
N VAL B 30 6.86 -13.80 8.44
CA VAL B 30 7.96 -14.72 8.22
C VAL B 30 8.31 -15.29 9.57
N THR B 31 8.33 -16.62 9.62
CA THR B 31 8.58 -17.32 10.85
C THR B 31 9.91 -18.06 10.71
N PHE B 32 10.81 -17.83 11.67
CA PHE B 32 12.19 -18.30 11.55
C PHE B 32 12.49 -19.58 12.33
N THR B 33 13.26 -20.46 11.69
CA THR B 33 13.70 -21.74 12.26
C THR B 33 14.48 -21.56 13.57
N THR B 34 15.03 -20.37 13.76
CA THR B 34 15.80 -20.01 14.94
C THR B 34 15.09 -18.79 15.53
N PRO B 35 15.58 -18.24 16.65
CA PRO B 35 15.14 -16.86 16.86
C PRO B 35 16.03 -15.84 16.14
N ASP B 38 20.39 -11.25 14.87
CA ASP B 38 20.24 -9.82 14.58
C ASP B 38 19.12 -9.55 13.57
N ARG B 39 18.09 -8.86 14.06
CA ARG B 39 16.86 -8.58 13.31
C ARG B 39 17.09 -7.62 12.16
N ARG B 40 18.08 -6.75 12.31
CA ARG B 40 18.37 -5.75 11.30
C ARG B 40 18.96 -6.35 10.03
N ALA B 41 19.30 -7.64 10.07
CA ALA B 41 19.85 -8.31 8.89
C ALA B 41 18.79 -8.92 7.98
N VAL B 42 17.85 -9.64 8.58
CA VAL B 42 16.84 -10.36 7.81
C VAL B 42 15.71 -9.47 7.31
N GLU B 43 15.48 -8.35 7.99
CA GLU B 43 14.55 -7.35 7.51
C GLU B 43 14.98 -6.81 6.16
N ARG B 44 16.27 -6.98 5.88
CA ARG B 44 16.88 -6.54 4.64
C ARG B 44 16.82 -7.72 3.68
N SER B 45 16.67 -8.91 4.24
CA SER B 45 16.47 -10.11 3.45
C SER B 45 15.00 -10.21 3.05
N ILE B 46 14.20 -9.30 3.59
CA ILE B 46 12.78 -9.22 3.26
C ILE B 46 12.50 -7.93 2.50
N ARG B 47 11.71 -8.01 1.43
CA ARG B 47 11.27 -6.80 0.77
C ARG B 47 9.93 -7.04 0.09
N ILE B 48 9.06 -6.02 0.08
CA ILE B 48 7.72 -6.13 -0.46
C ILE B 48 7.63 -5.54 -1.86
N SER B 49 7.27 -6.38 -2.83
CA SER B 49 7.26 -5.97 -4.22
C SER B 49 5.85 -5.74 -4.75
N THR B 50 5.54 -4.49 -5.00
CA THR B 50 4.22 -4.07 -5.46
C THR B 50 4.37 -3.22 -6.73
N PRO B 51 3.36 -3.26 -7.62
CA PRO B 51 3.32 -2.41 -8.82
C PRO B 51 3.67 -0.97 -8.53
N HIS B 52 3.23 -0.42 -7.40
CA HIS B 52 3.55 0.96 -7.07
C HIS B 52 4.46 0.96 -5.86
N ASN B 53 5.19 -0.14 -5.69
CA ASN B 53 6.13 -0.32 -4.59
C ASN B 53 5.52 0.12 -3.25
N THR B 54 4.37 -0.44 -2.89
CA THR B 54 3.73 -0.05 -1.62
C THR B 54 4.67 -0.33 -0.46
N THR B 55 4.80 0.64 0.42
CA THR B 55 5.68 0.56 1.58
C THR B 55 4.93 0.03 2.77
N GLY B 56 5.62 -0.03 3.89
CA GLY B 56 4.99 -0.42 5.13
C GLY B 56 5.99 -0.32 6.27
N HIS B 57 5.72 -1.06 7.33
CA HIS B 57 6.60 -1.11 8.48
C HIS B 57 6.55 -2.47 9.12
N PHE B 58 7.38 -2.70 10.13
CA PHE B 58 7.36 -3.98 10.81
C PHE B 58 6.60 -4.01 12.11
N GLU B 59 6.29 -5.26 12.50
CA GLU B 59 5.69 -5.65 13.78
C GLU B 59 6.29 -6.96 14.30
N TRP B 60 6.83 -6.92 15.52
CA TRP B 60 7.40 -8.12 16.14
C TRP B 60 6.43 -8.70 17.17
N ASN B 64 12.02 -15.94 17.28
CA ASN B 64 10.79 -15.15 17.19
C ASN B 64 10.14 -15.11 15.81
N VAL B 65 9.11 -14.26 15.70
CA VAL B 65 8.32 -14.13 14.47
C VAL B 65 8.03 -12.64 14.24
N VAL B 66 8.40 -12.10 13.09
CA VAL B 66 8.06 -10.73 12.75
C VAL B 66 7.07 -10.63 11.59
N ARG B 67 6.12 -9.71 11.70
CA ARG B 67 5.21 -9.42 10.59
C ARG B 67 5.43 -8.00 10.08
N TRP B 68 5.14 -7.81 8.81
CA TRP B 68 5.28 -6.55 8.12
C TRP B 68 3.90 -5.97 7.86
N VAL B 69 3.74 -4.68 8.18
CA VAL B 69 2.43 -4.08 8.08
C VAL B 69 2.44 -3.05 6.96
N PRO B 70 1.44 -3.12 6.07
CA PRO B 70 1.18 -2.20 4.95
C PRO B 70 0.80 -0.78 5.37
N HIS B 71 1.18 0.23 4.59
CA HIS B 71 1.05 1.62 5.03
C HIS B 71 -0.36 2.18 4.88
N ARG B 72 -0.99 1.84 3.76
CA ARG B 72 -2.35 2.23 3.46
C ARG B 72 -3.01 0.96 2.93
N TYR B 73 -3.13 -0.05 3.80
CA TYR B 73 -3.70 -1.32 3.38
C TYR B 73 -2.89 -1.82 2.17
N TRP B 74 -3.44 -2.73 1.39
CA TRP B 74 -2.81 -3.03 0.13
C TRP B 74 -3.41 -2.16 -0.94
N PRO B 75 -2.82 -2.19 -2.14
CA PRO B 75 -3.61 -1.78 -3.30
C PRO B 75 -4.50 -2.96 -3.69
N PRO B 76 -5.78 -2.68 -3.92
CA PRO B 76 -6.76 -3.64 -4.41
C PRO B 76 -6.43 -4.27 -5.76
N HIS B 77 -6.64 -5.60 -5.86
CA HIS B 77 -6.50 -6.37 -7.10
C HIS B 77 -5.06 -6.39 -7.62
N THR B 78 -4.16 -6.09 -6.70
CA THR B 78 -2.73 -6.23 -6.88
C THR B 78 -2.18 -7.62 -6.49
N ARG B 79 -1.32 -8.22 -7.31
CA ARG B 79 -0.56 -9.37 -6.84
C ARG B 79 0.67 -8.83 -6.14
N VAL B 80 0.92 -9.29 -4.92
CA VAL B 80 2.04 -8.81 -4.13
C VAL B 80 3.06 -9.93 -4.01
N SER B 81 4.32 -9.61 -4.25
CA SER B 81 5.40 -10.60 -4.15
C SER B 81 6.38 -10.26 -3.02
N VAL B 82 6.89 -11.29 -2.37
CA VAL B 82 7.73 -11.14 -1.20
C VAL B 82 9.07 -11.81 -1.42
N GLY B 83 10.15 -11.08 -1.17
CA GLY B 83 11.47 -11.61 -1.36
C GLY B 83 11.99 -11.98 0.00
N VAL B 84 12.34 -13.25 0.15
CA VAL B 84 12.86 -13.77 1.39
C VAL B 84 14.09 -14.64 1.10
N GLN B 85 15.24 -14.14 1.54
CA GLN B 85 16.54 -14.71 1.17
C GLN B 85 16.68 -14.86 -0.34
N GLU B 89 7.54 -15.84 -2.46
CA GLU B 89 6.11 -16.00 -2.23
C GLU B 89 5.23 -14.87 -2.74
N GLY B 90 3.99 -15.21 -3.11
CA GLY B 90 3.04 -14.25 -3.64
C GLY B 90 1.59 -14.48 -3.27
N PHE B 91 0.78 -13.41 -3.32
CA PHE B 91 -0.65 -13.48 -3.05
C PHE B 91 -1.45 -12.31 -3.65
N GLU B 92 -2.77 -12.48 -3.77
CA GLU B 92 -3.65 -11.50 -4.42
C GLU B 92 -4.65 -10.78 -3.52
N THR B 93 -4.84 -9.48 -3.76
CA THR B 93 -5.90 -8.73 -3.11
C THR B 93 -7.16 -8.79 -3.96
N GLY B 94 -8.29 -9.09 -3.34
CA GLY B 94 -9.57 -9.04 -4.03
C GLY B 94 -10.11 -7.65 -3.83
N ASP B 95 -11.43 -7.52 -3.77
CA ASP B 95 -12.03 -6.22 -3.49
C ASP B 95 -11.52 -5.70 -2.14
N ALA B 96 -11.61 -4.40 -1.91
CA ALA B 96 -11.28 -3.88 -0.60
C ALA B 96 -12.57 -3.81 0.17
N LEU B 97 -12.78 -4.81 1.02
CA LEU B 97 -13.93 -4.85 1.89
C LEU B 97 -13.44 -4.48 3.26
N ILE B 98 -13.93 -3.35 3.75
CA ILE B 98 -13.54 -2.84 5.03
C ILE B 98 -14.78 -2.77 5.88
N GLY B 99 -14.67 -3.19 7.13
CA GLY B 99 -15.77 -3.07 8.07
C GLY B 99 -15.28 -2.22 9.21
N VAL B 100 -16.00 -1.14 9.49
CA VAL B 100 -15.56 -0.13 10.46
C VAL B 100 -16.57 -0.01 11.61
N ALA B 101 -16.04 -0.12 12.82
CA ALA B 101 -16.88 -0.23 14.00
C ALA B 101 -16.96 1.08 14.78
N SER B 102 -18.04 1.80 14.56
CA SER B 102 -18.26 3.09 15.21
C SER B 102 -18.90 2.74 16.54
N ILE B 103 -18.21 3.06 17.63
CA ILE B 103 -18.76 2.72 18.94
C ILE B 103 -19.78 3.76 19.36
N SER B 104 -19.60 5.01 18.95
CA SER B 104 -20.53 6.09 19.29
C SER B 104 -21.87 5.87 18.62
N ALA B 105 -21.83 5.39 17.38
CA ALA B 105 -23.02 5.29 16.56
C ALA B 105 -23.66 3.93 16.74
N HIS B 106 -22.90 3.00 17.30
CA HIS B 106 -23.36 1.62 17.47
C HIS B 106 -23.58 0.95 16.11
N THR B 107 -22.56 0.94 15.26
CA THR B 107 -22.71 0.45 13.88
C THR B 107 -21.61 -0.55 13.56
N PHE B 108 -21.82 -1.32 12.50
CA PHE B 108 -20.73 -2.01 11.80
C PHE B 108 -20.92 -1.75 10.30
N THR B 109 -20.25 -0.76 9.72
CA THR B 109 -20.34 -0.46 8.28
C THR B 109 -19.33 -1.21 7.41
N VAL B 110 -19.81 -1.83 6.34
CA VAL B 110 -18.96 -2.56 5.40
C VAL B 110 -18.89 -1.86 4.04
N SER B 111 -17.68 -1.67 3.50
CA SER B 111 -17.52 -0.97 2.23
C SER B 111 -16.69 -1.65 1.13
N ARG B 112 -17.09 -1.45 -0.12
CA ARG B 112 -16.27 -1.80 -1.28
C ARG B 112 -16.12 -0.58 -2.19
N VAL B 116 -19.53 0.89 -0.16
CA VAL B 116 -20.31 0.61 1.04
C VAL B 116 -21.61 -0.09 0.70
N LEU B 117 -21.90 -1.18 1.42
CA LEU B 117 -23.14 -1.92 1.18
C LEU B 117 -24.19 -1.77 2.27
N ARG B 118 -23.79 -1.93 3.52
CA ARG B 118 -24.75 -2.11 4.60
C ARG B 118 -24.19 -1.68 5.94
N THR B 119 -24.87 -0.75 6.59
CA THR B 119 -24.50 -0.27 7.92
C THR B 119 -25.31 -0.98 8.97
N MET B 120 -24.70 -1.96 9.63
CA MET B 120 -25.43 -2.81 10.57
C MET B 120 -25.17 -2.49 12.05
N PRO B 121 -26.27 -2.40 12.83
CA PRO B 121 -26.23 -2.17 14.28
C PRO B 121 -25.44 -3.26 15.02
N ALA B 122 -24.46 -2.87 15.82
CA ALA B 122 -23.56 -3.83 16.45
C ALA B 122 -23.47 -3.58 17.95
N SER B 123 -23.24 -4.65 18.70
CA SER B 123 -22.97 -4.54 20.14
C SER B 123 -21.50 -4.77 20.39
N LEU B 124 -20.80 -3.69 20.72
CA LEU B 124 -19.36 -3.68 20.77
C LEU B 124 -18.81 -3.71 22.19
N GLY B 125 -18.84 -4.88 22.80
CA GLY B 125 -18.37 -5.01 24.16
C GLY B 125 -19.42 -4.64 25.19
N LYS B 126 -18.94 -4.14 26.33
CA LYS B 126 -19.77 -3.76 27.47
C LYS B 126 -19.23 -2.48 28.10
N PRO B 127 -20.13 -1.68 28.70
CA PRO B 127 -19.83 -0.43 29.43
C PRO B 127 -18.62 -0.48 30.36
N SER B 128 -18.03 -1.66 30.49
CA SER B 128 -16.83 -1.86 31.29
C SER B 128 -15.67 -2.24 30.39
N ARG B 129 -15.87 -3.23 29.53
CA ARG B 129 -14.83 -3.65 28.59
C ARG B 129 -15.36 -3.64 27.16
N PRO B 130 -15.25 -2.46 26.50
CA PRO B 130 -15.65 -2.17 25.12
C PRO B 130 -14.70 -2.77 24.08
N THR B 131 -15.14 -2.80 22.82
CA THR B 131 -14.31 -3.30 21.73
C THR B 131 -13.05 -2.44 21.59
N PRO B 132 -11.87 -3.08 21.66
CA PRO B 132 -10.58 -2.37 21.64
C PRO B 132 -10.29 -1.67 20.33
N ILE B 133 -10.17 -0.35 20.40
CA ILE B 133 -9.88 0.49 19.26
C ILE B 133 -8.55 0.09 18.63
N GLY B 134 -8.51 0.02 17.30
CA GLY B 134 -7.28 -0.36 16.62
C GLY B 134 -7.49 -0.80 15.21
N SER B 135 -6.43 -1.33 14.60
CA SER B 135 -6.44 -1.79 13.23
C SER B 135 -6.08 -3.27 13.21
N PHE B 136 -6.99 -4.08 12.69
CA PHE B 136 -6.80 -5.52 12.67
C PHE B 136 -7.31 -6.03 11.31
N HIS B 137 -7.05 -7.31 10.97
CA HIS B 137 -7.65 -7.96 9.79
C HIS B 137 -8.50 -9.17 10.21
N ALA B 138 -9.32 -9.66 9.28
CA ALA B 138 -10.14 -10.86 9.49
C ALA B 138 -9.27 -12.12 9.42
N MET B 139 -9.11 -12.78 10.57
CA MET B 139 -8.14 -13.85 10.74
C MET B 139 -8.62 -15.23 10.33
N SER B 140 -9.91 -15.49 10.49
CA SER B 140 -10.47 -16.79 10.17
C SER B 140 -12.00 -16.74 10.10
N LYS B 141 -12.60 -17.79 9.56
CA LYS B 141 -14.04 -17.96 9.49
C LYS B 141 -14.59 -19.19 10.18
N GLU B 142 -15.36 -19.00 11.25
CA GLU B 142 -16.01 -20.16 11.87
C GLU B 142 -17.51 -20.08 11.82
N ARG B 143 -18.11 -21.04 11.11
CA ARG B 143 -19.55 -21.15 10.99
C ARG B 143 -20.18 -21.21 12.38
N THR B 144 -19.62 -22.07 13.23
CA THR B 144 -20.00 -22.21 14.63
C THR B 144 -18.79 -22.18 15.57
N VAL B 145 -18.84 -21.34 16.61
CA VAL B 145 -17.83 -21.35 17.68
C VAL B 145 -18.48 -21.31 19.07
N VAL B 146 -18.09 -22.26 19.94
CA VAL B 146 -18.57 -22.27 21.33
C VAL B 146 -17.64 -21.42 22.18
N MET B 147 -18.24 -20.55 22.98
CA MET B 147 -17.47 -19.61 23.78
C MET B 147 -17.52 -19.96 25.27
N ASP B 148 -16.43 -20.51 25.79
CA ASP B 148 -16.31 -20.90 27.20
C ASP B 148 -15.19 -20.16 27.93
N SER B 149 -15.56 -19.34 28.91
CA SER B 149 -14.64 -18.47 29.65
C SER B 149 -13.75 -19.21 30.67
N ARG B 150 -14.13 -20.44 31.03
CA ARG B 150 -13.34 -21.23 31.99
C ARG B 150 -12.01 -21.65 31.41
N THR B 151 -11.91 -21.67 30.09
CA THR B 151 -10.67 -22.07 29.44
C THR B 151 -9.62 -20.96 29.47
N ILE B 152 -10.04 -19.75 29.82
CA ILE B 152 -9.10 -18.66 30.01
C ILE B 152 -9.33 -18.09 31.41
N GLY B 153 -10.17 -18.78 32.17
CA GLY B 153 -10.16 -18.63 33.60
C GLY B 153 -11.31 -17.98 34.32
N ILE B 154 -12.35 -17.66 33.58
CA ILE B 154 -13.44 -16.94 34.16
C ILE B 154 -14.63 -17.87 34.33
N PRO B 155 -15.00 -18.12 35.59
CA PRO B 155 -16.12 -18.98 35.94
C PRO B 155 -17.43 -18.38 35.41
N LEU B 156 -18.43 -19.24 35.28
CA LEU B 156 -19.65 -18.96 34.57
C LEU B 156 -20.56 -18.01 35.36
N ASN B 157 -20.31 -17.89 36.66
CA ASN B 157 -21.08 -16.98 37.50
C ASN B 157 -20.52 -15.55 37.43
N SER B 158 -19.47 -15.38 36.65
CA SER B 158 -18.95 -14.06 36.45
C SER B 158 -19.90 -13.26 35.58
N SER B 159 -19.94 -11.96 35.83
CA SER B 159 -20.68 -11.06 34.97
C SER B 159 -19.91 -10.97 33.66
N ASP B 160 -18.65 -11.39 33.69
CA ASP B 160 -17.82 -11.48 32.49
C ASP B 160 -17.58 -12.95 32.12
N GLY B 161 -18.52 -13.83 32.48
CA GLY B 161 -18.43 -15.26 32.20
C GLY B 161 -19.52 -15.80 31.29
N TYR B 162 -19.26 -16.92 30.61
CA TYR B 162 -20.16 -17.43 29.55
C TYR B 162 -19.93 -18.87 29.09
N LEU B 163 -21.01 -19.49 28.59
CA LEU B 163 -20.90 -20.66 27.72
C LEU B 163 -22.05 -20.64 26.69
N LEU B 164 -21.80 -20.06 25.52
CA LEU B 164 -22.82 -20.04 24.45
C LEU B 164 -22.13 -20.18 23.10
N THR B 165 -22.88 -20.63 22.11
CA THR B 165 -22.36 -20.85 20.76
C THR B 165 -22.58 -19.67 19.83
N ALA B 166 -21.52 -18.98 19.41
CA ALA B 166 -21.70 -17.89 18.45
C ALA B 166 -21.88 -18.42 17.04
N HIS B 167 -22.69 -17.74 16.24
CA HIS B 167 -22.87 -18.13 14.86
C HIS B 167 -22.32 -17.08 13.93
N TYR B 168 -21.74 -17.56 12.83
CA TYR B 168 -21.13 -16.69 11.84
C TYR B 168 -20.08 -15.82 12.53
N ALA B 169 -19.06 -16.50 13.05
CA ALA B 169 -18.06 -15.88 13.88
C ALA B 169 -16.83 -15.60 13.04
N VAL B 170 -16.40 -14.34 12.98
CA VAL B 170 -15.18 -13.95 12.28
C VAL B 170 -14.14 -13.63 13.34
N ARG B 171 -13.03 -14.37 13.40
CA ARG B 171 -12.02 -13.98 14.38
C ARG B 171 -11.35 -12.71 13.91
N VAL B 172 -11.16 -11.80 14.86
CA VAL B 172 -10.59 -10.51 14.57
C VAL B 172 -9.14 -10.51 15.03
N THR B 173 -8.90 -10.91 16.27
CA THR B 173 -7.52 -10.93 16.79
C THR B 173 -7.07 -12.26 17.40
N TRP B 174 -5.75 -12.41 17.49
CA TRP B 174 -5.10 -13.49 18.23
C TRP B 174 -5.61 -13.38 19.65
N SER B 175 -5.83 -12.13 20.05
CA SER B 175 -6.25 -11.73 21.38
C SER B 175 -7.68 -12.19 21.67
N GLY B 176 -8.38 -12.69 20.67
CA GLY B 176 -9.69 -13.30 20.87
C GLY B 176 -10.98 -12.57 20.51
N VAL B 177 -10.87 -11.42 19.84
CA VAL B 177 -12.02 -10.66 19.37
C VAL B 177 -12.70 -11.35 18.18
N TYR B 178 -14.03 -11.30 18.13
CA TYR B 178 -14.82 -11.94 17.07
C TYR B 178 -15.99 -11.06 16.64
N VAL B 179 -16.28 -11.00 15.34
CA VAL B 179 -17.55 -10.46 14.84
C VAL B 179 -18.47 -11.65 14.65
N HIS B 180 -19.60 -11.65 15.35
CA HIS B 180 -20.48 -12.79 15.34
C HIS B 180 -21.90 -12.40 15.71
N SER B 181 -22.76 -13.40 15.80
CA SER B 181 -24.07 -13.26 16.39
C SER B 181 -24.19 -14.34 17.42
N ALA B 182 -24.83 -14.03 18.53
CA ALA B 182 -24.94 -14.94 19.67
C ALA B 182 -25.73 -14.21 20.70
N PRO B 183 -26.55 -14.94 21.48
CA PRO B 183 -27.52 -14.27 22.36
C PRO B 183 -26.93 -13.93 23.72
N TRP B 184 -26.57 -12.68 23.92
CA TRP B 184 -25.74 -12.31 25.05
C TRP B 184 -26.50 -11.74 26.24
N SER B 185 -27.29 -10.69 26.03
CA SER B 185 -27.87 -9.99 27.16
C SER B 185 -28.68 -10.92 28.06
N ALA B 192 -27.23 -4.46 25.17
CA ALA B 192 -26.77 -5.83 24.97
C ALA B 192 -25.36 -6.01 25.56
N ASN B 193 -25.16 -7.07 26.36
CA ASN B 193 -23.90 -7.25 27.11
C ASN B 193 -22.83 -8.22 26.55
N VAL B 194 -22.18 -7.82 25.46
CA VAL B 194 -21.17 -8.66 24.81
C VAL B 194 -19.77 -8.51 25.40
N SER B 195 -19.01 -9.60 25.46
CA SER B 195 -17.65 -9.63 26.00
C SER B 195 -16.73 -10.24 24.93
N HIS B 196 -15.40 -10.21 25.05
CA HIS B 196 -14.64 -9.32 25.92
C HIS B 196 -14.80 -7.94 25.32
N GLY B 197 -14.45 -7.91 24.04
CA GLY B 197 -14.47 -6.73 23.20
C GLY B 197 -15.11 -7.13 21.89
N CYS B 198 -15.70 -8.34 21.85
CA CYS B 198 -16.27 -8.88 20.62
C CYS B 198 -17.36 -7.98 20.04
N ILE B 199 -17.64 -8.17 18.76
CA ILE B 199 -18.66 -7.40 18.08
C ILE B 199 -19.85 -8.31 17.80
N ASN B 200 -21.02 -7.96 18.33
CA ASN B 200 -22.19 -8.83 18.21
C ASN B 200 -23.24 -8.20 17.32
N LEU B 201 -23.63 -8.96 16.31
CA LEU B 201 -24.60 -8.51 15.34
C LEU B 201 -25.89 -9.31 15.46
N SER B 202 -26.86 -8.92 14.64
CA SER B 202 -28.03 -9.73 14.41
C SER B 202 -27.57 -11.02 13.75
N PRO B 203 -28.39 -12.08 13.87
CA PRO B 203 -28.10 -13.32 13.16
C PRO B 203 -27.94 -13.10 11.63
N ASP B 204 -28.73 -12.20 11.07
CA ASP B 204 -28.70 -11.92 9.63
C ASP B 204 -27.53 -11.04 9.17
N ASN B 205 -27.17 -10.03 9.96
CA ASN B 205 -26.07 -9.15 9.59
C ASN B 205 -24.73 -9.84 9.72
N ALA B 206 -24.58 -10.63 10.78
CA ALA B 206 -23.35 -11.35 11.03
C ALA B 206 -23.17 -12.45 10.02
N ALA B 207 -24.29 -12.81 9.38
CA ALA B 207 -24.33 -13.79 8.31
C ALA B 207 -24.00 -13.17 6.98
N TRP B 208 -24.58 -12.00 6.72
CA TRP B 208 -24.39 -11.31 5.45
C TRP B 208 -22.93 -10.95 5.29
N TYR B 209 -22.35 -10.38 6.36
CA TYR B 209 -20.93 -10.08 6.44
C TYR B 209 -20.08 -11.34 6.39
N PHE B 210 -20.55 -12.41 7.00
CA PHE B 210 -19.77 -13.63 7.02
C PHE B 210 -19.62 -14.15 5.60
N ASP B 211 -20.65 -13.91 4.79
CA ASP B 211 -20.67 -14.25 3.38
C ASP B 211 -19.82 -13.31 2.54
N ALA B 212 -19.74 -12.06 2.94
CA ALA B 212 -19.05 -11.07 2.15
C ALA B 212 -17.55 -11.08 2.41
N VAL B 213 -17.15 -11.67 3.54
CA VAL B 213 -15.83 -11.44 4.12
C VAL B 213 -14.73 -12.36 3.56
N THR B 214 -13.51 -11.82 3.50
CA THR B 214 -12.34 -12.57 3.02
C THR B 214 -11.28 -12.51 4.09
N VAL B 215 -10.45 -13.55 4.19
CA VAL B 215 -9.42 -13.58 5.23
C VAL B 215 -8.41 -12.51 4.89
N GLY B 216 -8.01 -11.73 5.88
CA GLY B 216 -7.05 -10.67 5.66
C GLY B 216 -7.68 -9.32 5.58
N ASP B 217 -8.98 -9.27 5.24
CA ASP B 217 -9.75 -8.02 5.14
C ASP B 217 -9.79 -7.19 6.40
N PRO B 218 -9.37 -5.93 6.26
CA PRO B 218 -9.31 -4.93 7.32
C PRO B 218 -10.59 -4.82 8.18
N ILE B 219 -10.36 -4.78 9.49
CA ILE B 219 -11.38 -4.59 10.50
C ILE B 219 -10.90 -3.43 11.38
N GLU B 220 -11.62 -2.32 11.36
CA GLU B 220 -11.13 -1.13 12.04
C GLU B 220 -12.12 -0.70 13.10
N VAL B 221 -11.62 -0.58 14.32
CA VAL B 221 -12.39 -0.16 15.50
C VAL B 221 -12.07 1.29 15.83
N VAL B 222 -13.11 2.11 15.92
CA VAL B 222 -13.02 3.55 16.16
C VAL B 222 -14.19 3.96 17.05
N GLY B 223 -14.40 5.28 17.21
CA GLY B 223 -15.54 5.77 17.96
C GLY B 223 -15.31 5.69 19.45
N SER C 13 -25.30 -0.40 -32.88
CA SER C 13 -24.11 -0.48 -32.04
C SER C 13 -24.44 -0.62 -30.56
N VAL C 14 -23.75 -1.50 -29.82
CA VAL C 14 -23.84 -1.47 -28.35
C VAL C 14 -22.50 -1.06 -27.75
N SER C 15 -22.55 -0.05 -26.88
CA SER C 15 -21.36 0.50 -26.23
C SER C 15 -21.47 0.56 -24.71
N PRO C 16 -20.40 0.22 -23.99
CA PRO C 16 -19.05 -0.22 -24.37
C PRO C 16 -19.09 -1.50 -25.20
N ALA C 17 -18.07 -1.76 -26.02
CA ALA C 17 -18.12 -2.91 -26.92
C ALA C 17 -17.71 -4.20 -26.22
N ASN C 18 -17.78 -5.31 -26.94
CA ASN C 18 -17.66 -6.62 -26.31
C ASN C 18 -16.30 -6.87 -25.68
N GLY C 19 -16.33 -7.13 -24.37
CA GLY C 19 -15.14 -7.49 -23.64
C GLY C 19 -14.41 -6.26 -23.14
N ALA C 20 -14.75 -5.10 -23.72
CA ALA C 20 -14.01 -3.87 -23.48
C ALA C 20 -13.82 -3.57 -22.01
N VAL C 21 -12.58 -3.56 -21.58
CA VAL C 21 -12.27 -3.17 -20.23
C VAL C 21 -12.33 -1.65 -20.15
N VAL C 22 -13.38 -1.15 -19.51
CA VAL C 22 -13.68 0.28 -19.44
C VAL C 22 -13.55 0.77 -18.00
N GLY C 23 -14.09 1.96 -17.73
CA GLY C 23 -14.08 2.51 -16.38
C GLY C 23 -15.52 2.63 -15.93
N VAL C 24 -15.70 2.95 -14.65
CA VAL C 24 -16.97 2.71 -13.94
C VAL C 24 -17.99 3.85 -13.97
N ALA C 25 -17.80 4.83 -14.84
CA ALA C 25 -18.87 5.78 -15.08
C ALA C 25 -19.40 5.69 -16.50
N HIS C 26 -18.89 4.73 -17.26
CA HIS C 26 -19.23 4.59 -18.66
C HIS C 26 -20.66 4.14 -18.81
N PRO C 27 -21.48 4.94 -19.54
CA PRO C 27 -22.87 4.62 -19.82
C PRO C 27 -22.96 3.55 -20.89
N VAL C 28 -24.11 2.91 -21.04
CA VAL C 28 -24.30 1.94 -22.13
C VAL C 28 -25.01 2.61 -23.30
N VAL C 29 -24.65 2.31 -24.54
CA VAL C 29 -25.34 2.96 -25.67
C VAL C 29 -25.74 1.99 -26.81
N VAL C 30 -27.01 1.98 -27.17
CA VAL C 30 -27.45 1.19 -28.34
C VAL C 30 -28.06 2.13 -29.37
N THR C 31 -27.65 1.99 -30.62
CA THR C 31 -28.16 2.79 -31.71
C THR C 31 -28.91 1.96 -32.76
N ARG C 40 -40.93 3.16 -25.57
CA ARG C 40 -41.28 2.74 -24.22
C ARG C 40 -41.37 1.21 -24.16
N ALA C 41 -41.33 0.58 -25.33
CA ALA C 41 -41.30 -0.88 -25.42
C ALA C 41 -39.87 -1.41 -25.42
N VAL C 42 -39.03 -0.74 -26.20
CA VAL C 42 -37.65 -1.18 -26.40
C VAL C 42 -36.79 -0.83 -25.18
N GLU C 43 -37.24 0.14 -24.39
CA GLU C 43 -36.59 0.44 -23.10
C GLU C 43 -36.61 -0.81 -22.24
N ARG C 44 -37.52 -1.73 -22.54
CA ARG C 44 -37.65 -2.97 -21.81
C ARG C 44 -36.86 -4.10 -22.46
N SER C 45 -36.53 -3.92 -23.74
CA SER C 45 -35.76 -4.89 -24.50
C SER C 45 -34.29 -4.83 -24.12
N ILE C 46 -33.96 -3.89 -23.27
CA ILE C 46 -32.61 -3.75 -22.76
C ILE C 46 -32.58 -4.17 -21.30
N ARG C 47 -31.56 -4.92 -20.93
CA ARG C 47 -31.29 -5.20 -19.54
C ARG C 47 -29.80 -5.43 -19.38
N ILE C 48 -29.27 -4.95 -18.26
CA ILE C 48 -27.85 -5.05 -17.93
C ILE C 48 -27.68 -6.24 -17.00
N SER C 49 -26.78 -7.15 -17.36
CA SER C 49 -26.58 -8.32 -16.54
C SER C 49 -25.28 -8.21 -15.73
N THR C 50 -25.44 -7.99 -14.42
CA THR C 50 -24.34 -7.86 -13.47
C THR C 50 -24.54 -8.80 -12.32
N PRO C 51 -23.45 -9.27 -11.71
CA PRO C 51 -23.45 -10.06 -10.48
C PRO C 51 -24.28 -9.48 -9.35
N HIS C 52 -24.31 -8.15 -9.20
CA HIS C 52 -25.05 -7.56 -8.09
C HIS C 52 -26.29 -6.73 -8.48
N ASN C 53 -26.88 -7.04 -9.63
CA ASN C 53 -28.08 -6.36 -10.14
C ASN C 53 -28.09 -4.84 -9.97
N THR C 54 -27.09 -4.17 -10.53
CA THR C 54 -27.00 -2.70 -10.49
C THR C 54 -28.23 -2.08 -11.12
N THR C 55 -28.79 -1.06 -10.49
CA THR C 55 -30.01 -0.48 -11.04
C THR C 55 -29.54 0.55 -12.03
N GLY C 56 -30.47 1.23 -12.66
CA GLY C 56 -30.09 2.33 -13.51
C GLY C 56 -31.27 2.99 -14.16
N HIS C 57 -30.98 3.70 -15.22
CA HIS C 57 -31.98 4.40 -15.99
C HIS C 57 -31.62 4.51 -17.46
N PHE C 58 -32.58 4.99 -18.24
CA PHE C 58 -32.34 5.24 -19.64
C PHE C 58 -32.21 6.75 -19.81
N GLU C 59 -31.57 7.18 -20.89
CA GLU C 59 -31.41 8.60 -21.15
C GLU C 59 -31.63 8.85 -22.62
N TRP C 60 -32.66 9.63 -22.93
CA TRP C 60 -33.02 9.93 -24.31
C TRP C 60 -32.60 11.33 -24.68
N ASN C 64 -34.61 7.23 -32.34
CA ASN C 64 -33.55 7.90 -31.61
C ASN C 64 -32.49 6.91 -31.10
N VAL C 65 -31.71 7.37 -30.13
CA VAL C 65 -30.58 6.65 -29.60
C VAL C 65 -30.76 6.69 -28.11
N VAL C 66 -30.75 5.52 -27.47
CA VAL C 66 -30.82 5.53 -26.02
C VAL C 66 -29.50 5.06 -25.43
N ARG C 67 -29.11 5.71 -24.34
CA ARG C 67 -27.98 5.25 -23.55
C ARG C 67 -28.54 4.81 -22.23
N TRP C 68 -27.90 3.84 -21.61
CA TRP C 68 -28.34 3.37 -20.32
C TRP C 68 -27.28 3.74 -19.28
N VAL C 69 -27.69 4.37 -18.20
CA VAL C 69 -26.76 4.85 -17.19
C VAL C 69 -26.98 4.20 -15.81
N PRO C 70 -25.88 3.83 -15.13
CA PRO C 70 -25.82 3.30 -13.75
C PRO C 70 -26.26 4.30 -12.67
N HIS C 71 -26.93 3.82 -11.62
CA HIS C 71 -27.56 4.70 -10.65
C HIS C 71 -26.58 5.22 -9.61
N ARG C 72 -25.40 4.63 -9.59
CA ARG C 72 -24.30 5.07 -8.74
C ARG C 72 -23.08 5.20 -9.64
N TYR C 73 -22.45 4.06 -9.86
CA TYR C 73 -21.33 3.82 -10.78
C TYR C 73 -21.54 2.38 -11.17
N TRP C 74 -20.51 1.76 -11.73
CA TRP C 74 -20.54 0.33 -11.90
C TRP C 74 -19.90 -0.20 -10.66
N PRO C 75 -20.00 -1.51 -10.43
CA PRO C 75 -19.06 -2.16 -9.55
C PRO C 75 -17.75 -2.38 -10.29
N PRO C 76 -16.63 -2.09 -9.63
CA PRO C 76 -15.23 -2.27 -10.05
C PRO C 76 -14.86 -3.70 -10.40
N HIS C 77 -14.12 -3.88 -11.50
CA HIS C 77 -13.57 -5.19 -11.85
C HIS C 77 -14.67 -6.23 -12.11
N THR C 78 -15.89 -5.75 -12.24
CA THR C 78 -17.01 -6.60 -12.59
C THR C 78 -17.12 -6.72 -14.12
N ARG C 79 -17.33 -7.94 -14.59
CA ARG C 79 -17.64 -8.20 -15.99
C ARG C 79 -19.13 -7.95 -16.18
N VAL C 80 -19.49 -7.01 -17.04
CA VAL C 80 -20.90 -6.63 -17.21
C VAL C 80 -21.43 -7.00 -18.59
N SER C 81 -22.58 -7.65 -18.63
CA SER C 81 -23.15 -8.06 -19.90
C SER C 81 -24.48 -7.35 -20.21
N VAL C 82 -24.71 -7.09 -21.49
CA VAL C 82 -25.86 -6.33 -21.92
C VAL C 82 -26.73 -7.10 -22.89
N GLY C 83 -27.98 -7.29 -22.51
CA GLY C 83 -28.88 -8.06 -23.35
C GLY C 83 -29.86 -7.15 -24.04
N VAL C 84 -29.82 -7.20 -25.37
CA VAL C 84 -30.71 -6.42 -26.21
C VAL C 84 -31.25 -7.33 -27.30
N GLN C 85 -32.58 -7.47 -27.31
CA GLN C 85 -33.24 -8.40 -28.19
C GLN C 85 -32.74 -9.81 -28.01
N GLU C 86 -32.26 -10.40 -29.10
CA GLU C 86 -31.85 -11.80 -29.09
C GLU C 86 -30.32 -11.94 -28.92
N LEU C 87 -29.63 -10.82 -28.76
CA LEU C 87 -28.16 -10.83 -28.71
C LEU C 87 -27.64 -10.31 -27.37
N THR C 88 -26.69 -11.02 -26.79
CA THR C 88 -26.18 -10.56 -25.50
C THR C 88 -24.67 -10.55 -25.52
N GLU C 89 -24.14 -9.35 -25.35
CA GLU C 89 -22.71 -9.08 -25.36
C GLU C 89 -22.37 -8.27 -24.13
N GLY C 90 -21.12 -8.35 -23.68
CA GLY C 90 -20.73 -7.73 -22.43
C GLY C 90 -19.36 -7.06 -22.42
N PHE C 91 -19.12 -6.25 -21.39
CA PHE C 91 -17.87 -5.54 -21.22
C PHE C 91 -17.43 -5.56 -19.76
N GLU C 92 -16.15 -5.32 -19.51
CA GLU C 92 -15.63 -5.42 -18.16
C GLU C 92 -15.14 -4.09 -17.62
N THR C 93 -15.35 -3.84 -16.34
CA THR C 93 -14.79 -2.64 -15.72
C THR C 93 -13.38 -2.94 -15.19
N GLY C 94 -12.44 -2.03 -15.43
CA GLY C 94 -11.12 -2.23 -14.88
C GLY C 94 -11.11 -1.59 -13.51
N ASP C 95 -9.96 -1.14 -13.06
CA ASP C 95 -9.87 -0.49 -11.75
C ASP C 95 -10.81 0.72 -11.66
N ALA C 96 -11.13 1.11 -10.43
CA ALA C 96 -11.90 2.31 -10.21
C ALA C 96 -11.04 3.53 -9.90
N LEU C 97 -10.76 4.35 -10.90
CA LEU C 97 -10.06 5.60 -10.66
C LEU C 97 -11.00 6.78 -10.88
N ILE C 98 -11.29 7.50 -9.81
CA ILE C 98 -12.24 8.59 -9.87
C ILE C 98 -11.49 9.88 -9.57
N GLY C 99 -11.78 10.89 -10.37
CA GLY C 99 -11.22 12.22 -10.20
C GLY C 99 -12.33 13.23 -10.04
N VAL C 100 -12.21 14.08 -9.03
CA VAL C 100 -13.26 15.04 -8.72
C VAL C 100 -12.72 16.48 -8.79
N ALA C 101 -13.42 17.33 -9.55
CA ALA C 101 -12.95 18.70 -9.84
C ALA C 101 -13.70 19.78 -9.05
N SER C 102 -13.08 20.22 -7.95
CA SER C 102 -13.67 21.17 -7.01
C SER C 102 -13.49 22.61 -7.43
N ILE C 103 -14.61 23.31 -7.65
CA ILE C 103 -14.59 24.71 -8.09
C ILE C 103 -14.21 25.58 -6.91
N SER C 104 -14.58 25.12 -5.72
CA SER C 104 -14.29 25.79 -4.48
C SER C 104 -12.80 25.88 -4.16
N ALA C 105 -12.09 24.78 -4.37
CA ALA C 105 -10.71 24.69 -3.95
C ALA C 105 -9.72 25.00 -5.07
N HIS C 106 -10.21 24.98 -6.31
CA HIS C 106 -9.40 25.04 -7.52
C HIS C 106 -8.55 23.79 -7.65
N THR C 107 -9.15 22.62 -7.48
CA THR C 107 -8.39 21.38 -7.41
C THR C 107 -8.94 20.23 -8.27
N PHE C 108 -8.07 19.28 -8.59
CA PHE C 108 -8.51 17.99 -9.11
C PHE C 108 -7.80 16.85 -8.33
N THR C 109 -8.48 16.28 -7.33
CA THR C 109 -7.95 15.10 -6.64
C THR C 109 -8.51 13.88 -7.36
N VAL C 110 -7.62 12.96 -7.71
CA VAL C 110 -7.99 11.72 -8.38
C VAL C 110 -7.69 10.54 -7.45
N SER C 111 -8.63 9.61 -7.31
CA SER C 111 -8.41 8.51 -6.35
C SER C 111 -8.44 7.11 -6.93
N ARG C 112 -7.51 6.29 -6.44
CA ARG C 112 -7.44 4.86 -6.71
C ARG C 112 -7.32 4.14 -5.38
N ASN C 113 -8.31 3.35 -4.99
CA ASN C 113 -9.52 3.07 -5.71
C ASN C 113 -10.73 3.94 -5.33
N GLY C 114 -10.99 4.24 -4.04
CA GLY C 114 -10.21 3.83 -2.90
C GLY C 114 -9.37 4.97 -2.38
N GLU C 115 -8.06 4.87 -2.58
CA GLU C 115 -7.10 5.87 -2.11
C GLU C 115 -6.87 7.03 -3.09
N VAL C 116 -6.90 8.25 -2.57
CA VAL C 116 -6.48 9.41 -3.34
C VAL C 116 -5.01 9.22 -3.69
N LEU C 117 -4.65 9.52 -4.92
CA LEU C 117 -3.27 9.40 -5.37
C LEU C 117 -2.64 10.77 -5.45
N ARG C 118 -3.39 11.70 -6.01
CA ARG C 118 -2.85 12.96 -6.47
C ARG C 118 -3.86 14.11 -6.46
N THR C 119 -3.54 15.10 -5.64
CA THR C 119 -4.30 16.34 -5.53
C THR C 119 -3.65 17.38 -6.43
N MET C 120 -4.27 17.66 -7.58
CA MET C 120 -3.71 18.61 -8.54
C MET C 120 -4.45 19.93 -8.50
N PRO C 121 -3.70 21.04 -8.35
CA PRO C 121 -4.25 22.39 -8.44
C PRO C 121 -4.83 22.69 -9.84
N ALA C 122 -6.09 23.11 -9.91
CA ALA C 122 -6.76 23.17 -11.19
C ALA C 122 -7.41 24.50 -11.54
N SER C 123 -7.46 24.77 -12.84
CA SER C 123 -8.19 25.89 -13.42
C SER C 123 -9.43 25.31 -14.10
N LEU C 124 -10.61 25.52 -13.53
CA LEU C 124 -11.79 24.87 -14.08
C LEU C 124 -12.68 25.88 -14.80
N GLY C 125 -12.29 26.25 -16.02
CA GLY C 125 -12.99 27.23 -16.80
C GLY C 125 -12.56 28.61 -16.39
N LYS C 126 -13.46 29.59 -16.51
CA LYS C 126 -13.14 30.98 -16.15
C LYS C 126 -14.35 31.68 -15.54
N PRO C 127 -14.09 32.68 -14.66
CA PRO C 127 -15.07 33.56 -14.01
C PRO C 127 -16.23 34.07 -14.89
N SER C 128 -16.23 33.71 -16.17
CA SER C 128 -17.31 34.08 -17.07
C SER C 128 -18.08 32.82 -17.38
N ARG C 129 -17.37 31.78 -17.79
CA ARG C 129 -17.94 30.48 -18.09
C ARG C 129 -17.21 29.40 -17.33
N PRO C 130 -17.64 29.14 -16.09
CA PRO C 130 -16.97 28.11 -15.28
C PRO C 130 -17.30 26.71 -15.77
N THR C 131 -16.45 25.76 -15.39
CA THR C 131 -16.65 24.36 -15.73
C THR C 131 -17.99 23.91 -15.16
N PRO C 132 -18.85 23.34 -16.04
CA PRO C 132 -20.19 22.89 -15.70
C PRO C 132 -20.28 21.68 -14.76
N ILE C 133 -20.93 21.88 -13.62
CA ILE C 133 -21.14 20.83 -12.63
C ILE C 133 -21.83 19.62 -13.27
N GLY C 134 -21.41 18.41 -12.88
CA GLY C 134 -22.04 17.20 -13.35
C GLY C 134 -21.25 15.92 -13.17
N SER C 135 -21.82 14.82 -13.68
CA SER C 135 -21.22 13.50 -13.52
C SER C 135 -20.89 13.03 -14.93
N PHE C 136 -19.62 12.74 -15.15
CA PHE C 136 -19.15 12.36 -16.46
C PHE C 136 -18.16 11.21 -16.30
N HIS C 137 -17.77 10.65 -17.43
CA HIS C 137 -16.69 9.68 -17.53
C HIS C 137 -15.62 10.21 -18.48
N ALA C 138 -14.44 9.59 -18.47
CA ALA C 138 -13.43 9.96 -19.44
C ALA C 138 -13.78 9.35 -20.79
N MET C 139 -14.12 10.19 -21.77
CA MET C 139 -14.61 9.75 -23.08
C MET C 139 -13.55 9.34 -24.10
N SER C 140 -12.42 10.00 -24.07
CA SER C 140 -11.39 9.70 -25.04
C SER C 140 -10.08 10.29 -24.58
N LYS C 141 -9.01 9.73 -25.10
CA LYS C 141 -7.67 10.19 -24.79
C LYS C 141 -6.91 10.58 -26.05
N GLU C 142 -6.60 11.87 -26.19
CA GLU C 142 -5.78 12.35 -27.30
C GLU C 142 -4.49 12.96 -26.79
N ARG C 143 -3.39 12.33 -27.18
CA ARG C 143 -2.08 12.72 -26.69
C ARG C 143 -1.83 14.22 -26.85
N THR C 144 -2.12 14.77 -28.03
CA THR C 144 -2.15 16.22 -28.25
C THR C 144 -3.45 16.58 -28.99
N VAL C 145 -4.12 17.66 -28.59
CA VAL C 145 -5.27 18.12 -29.37
C VAL C 145 -5.15 19.63 -29.68
N VAL C 146 -5.30 20.00 -30.94
CA VAL C 146 -5.27 21.40 -31.31
C VAL C 146 -6.67 22.02 -31.15
N MET C 147 -6.69 23.20 -30.54
CA MET C 147 -7.92 23.90 -30.26
C MET C 147 -8.02 25.20 -31.10
N ASP C 148 -8.85 25.19 -32.13
CA ASP C 148 -9.05 26.33 -33.02
C ASP C 148 -10.51 26.72 -32.85
N SER C 149 -10.73 27.88 -32.21
CA SER C 149 -12.08 28.25 -31.77
C SER C 149 -12.98 28.61 -32.92
N ARG C 150 -12.38 28.82 -34.08
CA ARG C 150 -13.08 29.18 -35.30
C ARG C 150 -14.02 28.08 -35.78
N THR C 151 -13.76 26.86 -35.34
CA THR C 151 -14.52 25.70 -35.78
C THR C 151 -15.91 25.66 -35.18
N ILE C 152 -16.14 26.50 -34.16
CA ILE C 152 -17.44 26.61 -33.51
C ILE C 152 -17.99 28.05 -33.47
N GLY C 153 -17.24 28.97 -34.08
CA GLY C 153 -17.73 30.29 -34.40
C GLY C 153 -17.09 31.44 -33.63
N ILE C 154 -16.09 31.15 -32.81
CA ILE C 154 -15.50 32.18 -31.95
C ILE C 154 -14.13 32.66 -32.42
N PRO C 155 -14.02 33.95 -32.76
CA PRO C 155 -12.82 34.65 -33.20
C PRO C 155 -11.75 34.83 -32.12
N LEU C 156 -10.51 35.01 -32.56
CA LEU C 156 -9.36 35.10 -31.68
C LEU C 156 -9.32 36.44 -30.98
N ASN C 157 -10.03 37.42 -31.53
CA ASN C 157 -10.09 38.73 -30.89
C ASN C 157 -11.10 38.73 -29.77
N SER C 158 -11.72 37.57 -29.58
CA SER C 158 -12.58 37.39 -28.43
C SER C 158 -11.71 37.21 -27.19
N SER C 159 -12.22 37.68 -26.07
CA SER C 159 -11.64 37.43 -24.77
C SER C 159 -11.87 35.96 -24.47
N ASP C 160 -12.81 35.37 -25.21
CA ASP C 160 -13.05 33.93 -25.18
C ASP C 160 -12.64 33.24 -26.49
N GLY C 161 -11.60 33.75 -27.16
CA GLY C 161 -11.10 33.14 -28.38
C GLY C 161 -9.68 32.60 -28.23
N TYR C 162 -9.32 31.59 -29.03
CA TYR C 162 -8.06 30.85 -28.88
C TYR C 162 -7.65 29.98 -30.06
N LEU C 163 -6.33 29.81 -30.24
CA LEU C 163 -5.74 28.73 -31.05
C LEU C 163 -4.38 28.22 -30.50
N LEU C 164 -4.42 27.19 -29.65
CA LEU C 164 -3.19 26.60 -29.09
C LEU C 164 -3.36 25.09 -29.03
N THR C 165 -2.25 24.38 -28.98
CA THR C 165 -2.31 22.94 -28.91
C THR C 165 -2.20 22.48 -27.45
N ALA C 166 -3.29 21.94 -26.93
CA ALA C 166 -3.29 21.39 -25.58
C ALA C 166 -2.70 20.00 -25.55
N HIS C 167 -2.00 19.69 -24.48
CA HIS C 167 -1.41 18.37 -24.32
C HIS C 167 -2.02 17.52 -23.24
N TYR C 168 -1.99 16.22 -23.47
CA TYR C 168 -2.53 15.22 -22.57
C TYR C 168 -4.00 15.53 -22.32
N ALA C 169 -4.78 15.49 -23.40
CA ALA C 169 -6.14 15.97 -23.37
C ALA C 169 -7.16 14.86 -23.22
N VAL C 170 -7.92 14.88 -22.14
CA VAL C 170 -9.00 13.92 -22.00
C VAL C 170 -10.34 14.61 -22.13
N ARG C 171 -11.11 14.19 -23.13
CA ARG C 171 -12.46 14.72 -23.32
C ARG C 171 -13.28 14.27 -22.14
N VAL C 172 -14.12 15.18 -21.65
CA VAL C 172 -14.91 14.94 -20.46
C VAL C 172 -16.35 14.59 -20.82
N THR C 173 -16.91 15.49 -21.62
CA THR C 173 -18.26 15.43 -22.14
C THR C 173 -18.15 15.64 -23.65
N TRP C 174 -19.19 15.27 -24.39
CA TRP C 174 -19.21 15.50 -25.84
C TRP C 174 -18.97 16.95 -26.23
N SER C 175 -19.47 17.88 -25.43
CA SER C 175 -19.43 19.31 -25.75
C SER C 175 -18.05 19.93 -25.81
N GLY C 176 -17.01 19.16 -25.50
CA GLY C 176 -15.66 19.69 -25.65
C GLY C 176 -14.92 20.13 -24.40
N VAL C 177 -15.45 19.81 -23.22
CA VAL C 177 -14.71 20.09 -22.00
C VAL C 177 -13.60 19.05 -21.90
N TYR C 178 -12.40 19.49 -21.50
CA TYR C 178 -11.22 18.64 -21.55
C TYR C 178 -10.33 18.68 -20.32
N VAL C 179 -9.77 17.52 -19.97
CA VAL C 179 -8.65 17.45 -19.06
C VAL C 179 -7.43 17.57 -19.94
N HIS C 180 -6.64 18.63 -19.80
CA HIS C 180 -5.54 18.83 -20.73
C HIS C 180 -4.42 19.65 -20.11
N SER C 181 -3.45 20.02 -20.94
CA SER C 181 -2.35 20.87 -20.49
C SER C 181 -2.22 22.13 -21.33
N ALA C 192 -4.98 30.52 -14.86
CA ALA C 192 -5.19 30.35 -16.31
C ALA C 192 -6.61 30.67 -16.70
N ASN C 193 -6.78 31.40 -17.80
CA ASN C 193 -8.10 31.88 -18.24
C ASN C 193 -8.76 30.99 -19.30
N VAL C 194 -9.26 29.83 -18.89
CA VAL C 194 -9.78 28.77 -19.79
C VAL C 194 -11.17 29.08 -20.36
N SER C 195 -11.42 28.71 -21.62
CA SER C 195 -12.59 29.25 -22.33
C SER C 195 -13.84 28.41 -22.67
N HIS C 196 -13.74 27.10 -22.84
CA HIS C 196 -14.96 26.34 -23.14
C HIS C 196 -15.55 25.68 -21.88
N GLY C 197 -14.78 25.72 -20.80
CA GLY C 197 -15.17 25.14 -19.54
C GLY C 197 -14.19 24.05 -19.24
N CYS C 198 -13.18 23.99 -20.11
CA CYS C 198 -12.19 22.95 -20.04
C CYS C 198 -11.43 22.96 -18.73
N ILE C 199 -10.84 21.81 -18.42
CA ILE C 199 -10.07 21.64 -17.19
C ILE C 199 -8.58 21.55 -17.55
N ASN C 200 -7.82 22.53 -17.07
CA ASN C 200 -6.40 22.72 -17.41
C ASN C 200 -5.45 22.46 -16.26
N LEU C 201 -4.45 21.61 -16.50
CA LEU C 201 -3.50 21.22 -15.45
C LEU C 201 -2.03 21.71 -15.67
N SER C 202 -1.18 21.51 -14.67
CA SER C 202 0.23 21.67 -14.93
C SER C 202 0.55 20.54 -15.89
N PRO C 203 1.55 20.74 -16.75
CA PRO C 203 1.92 19.64 -17.64
C PRO C 203 2.27 18.31 -16.95
N ASP C 204 2.90 18.35 -15.79
CA ASP C 204 3.34 17.10 -15.16
C ASP C 204 2.14 16.31 -14.66
N ASN C 205 1.14 17.03 -14.19
CA ASN C 205 -0.14 16.49 -13.73
C ASN C 205 -1.08 16.07 -14.83
N ALA C 206 -1.10 16.87 -15.89
CA ALA C 206 -2.01 16.61 -16.99
C ALA C 206 -1.62 15.32 -17.70
N ALA C 207 -0.37 14.92 -17.48
CA ALA C 207 0.22 13.67 -17.98
C ALA C 207 -0.10 12.49 -17.10
N TRP C 208 -0.05 12.71 -15.79
CA TRP C 208 -0.29 11.62 -14.86
C TRP C 208 -1.69 11.10 -14.97
N TYR C 209 -2.64 12.02 -15.01
CA TYR C 209 -4.02 11.64 -15.23
C TYR C 209 -4.11 10.99 -16.60
N PHE C 210 -3.37 11.50 -17.56
CA PHE C 210 -3.38 10.94 -18.91
C PHE C 210 -2.83 9.53 -18.84
N ASP C 211 -1.89 9.35 -17.92
CA ASP C 211 -1.32 8.04 -17.66
C ASP C 211 -2.26 7.10 -16.89
N ALA C 212 -3.03 7.65 -15.96
CA ALA C 212 -3.86 6.82 -15.09
C ALA C 212 -5.22 6.42 -15.68
N VAL C 213 -5.68 7.16 -16.67
CA VAL C 213 -7.08 7.07 -17.10
C VAL C 213 -7.38 6.09 -18.26
N THR C 214 -8.55 5.46 -18.17
CA THR C 214 -9.07 4.53 -19.18
C THR C 214 -10.45 5.05 -19.53
N VAL C 215 -10.95 4.74 -20.72
CA VAL C 215 -12.21 5.32 -21.17
C VAL C 215 -13.32 4.87 -20.22
N GLY C 216 -14.11 5.83 -19.73
CA GLY C 216 -15.14 5.53 -18.74
C GLY C 216 -14.83 5.97 -17.31
N ASP C 217 -13.56 6.19 -16.99
CA ASP C 217 -13.14 6.61 -15.65
C ASP C 217 -13.89 7.85 -15.20
N PRO C 218 -14.62 7.74 -14.06
CA PRO C 218 -15.51 8.77 -13.51
C PRO C 218 -14.94 10.17 -13.48
N ILE C 219 -15.79 11.13 -13.84
CA ILE C 219 -15.47 12.55 -13.83
C ILE C 219 -16.60 13.33 -13.14
N GLU C 220 -16.27 13.94 -12.01
CA GLU C 220 -17.26 14.69 -11.22
C GLU C 220 -16.77 16.12 -11.09
N VAL C 221 -17.59 17.07 -11.54
CA VAL C 221 -17.26 18.49 -11.44
C VAL C 221 -18.05 19.13 -10.33
N VAL C 222 -17.36 19.69 -9.34
CA VAL C 222 -18.02 20.24 -8.16
C VAL C 222 -17.35 21.51 -7.63
N GLY C 223 -17.73 21.92 -6.43
CA GLY C 223 -17.09 23.03 -5.75
C GLY C 223 -17.91 23.61 -4.61
N VAL D 14 12.34 -20.61 24.83
CA VAL D 14 11.59 -20.54 26.09
C VAL D 14 11.94 -19.36 27.02
N SER D 15 10.89 -18.64 27.43
CA SER D 15 11.03 -17.60 28.44
C SER D 15 9.94 -17.76 29.51
N PRO D 16 10.29 -17.52 30.79
CA PRO D 16 11.57 -17.09 31.39
C PRO D 16 12.78 -18.01 31.16
N ALA D 17 13.97 -17.42 31.21
CA ALA D 17 15.24 -18.15 31.10
C ALA D 17 15.76 -18.56 32.49
N ASN D 18 16.92 -19.23 32.54
CA ASN D 18 17.45 -19.76 33.81
C ASN D 18 17.91 -18.68 34.81
N GLY D 19 17.34 -18.71 36.01
CA GLY D 19 17.75 -17.81 37.08
C GLY D 19 16.98 -16.50 37.16
N ALA D 20 16.23 -16.20 36.10
CA ALA D 20 15.49 -14.94 36.00
C ALA D 20 14.54 -14.64 37.17
N VAL D 21 14.83 -13.57 37.92
CA VAL D 21 13.95 -13.07 38.98
C VAL D 21 12.81 -12.25 38.38
N VAL D 22 11.58 -12.78 38.40
CA VAL D 22 10.46 -12.08 37.74
C VAL D 22 9.37 -11.62 38.73
N GLY D 23 8.23 -11.20 38.18
CA GLY D 23 7.08 -10.74 38.94
C GLY D 23 5.95 -11.70 38.67
N VAL D 24 4.80 -11.53 39.34
CA VAL D 24 3.83 -12.61 39.40
C VAL D 24 2.71 -12.64 38.36
N ALA D 25 2.80 -11.84 37.30
CA ALA D 25 1.86 -12.05 36.19
C ALA D 25 2.60 -12.53 34.97
N HIS D 26 3.90 -12.80 35.11
CA HIS D 26 4.69 -13.21 33.96
C HIS D 26 4.28 -14.58 33.47
N PRO D 27 3.78 -14.66 32.23
CA PRO D 27 3.32 -15.90 31.58
C PRO D 27 4.49 -16.77 31.17
N VAL D 28 4.23 -18.01 30.74
CA VAL D 28 5.22 -18.91 30.17
C VAL D 28 5.19 -18.86 28.65
N VAL D 29 6.35 -18.86 27.97
CA VAL D 29 6.42 -18.74 26.51
C VAL D 29 7.36 -19.76 25.82
N VAL D 30 6.88 -20.46 24.78
CA VAL D 30 7.70 -21.46 24.11
C VAL D 30 8.06 -21.20 22.65
N THR D 31 9.36 -21.32 22.36
CA THR D 31 9.91 -21.08 21.04
C THR D 31 9.79 -22.32 20.16
N ASP D 38 0.46 -30.67 15.83
CA ASP D 38 -0.67 -30.77 16.72
C ASP D 38 -0.43 -29.88 17.94
N ARG D 39 -1.24 -28.83 18.05
CA ARG D 39 -1.13 -27.86 19.12
C ARG D 39 -1.57 -28.44 20.44
N ARG D 40 -2.55 -29.34 20.41
CA ARG D 40 -3.05 -29.95 21.63
C ARG D 40 -2.08 -30.99 22.16
N ALA D 41 -1.15 -31.39 21.31
CA ALA D 41 -0.17 -32.38 21.67
C ALA D 41 1.04 -31.75 22.30
N VAL D 42 1.50 -30.66 21.73
CA VAL D 42 2.71 -30.00 22.21
C VAL D 42 2.34 -29.30 23.50
N GLU D 43 1.06 -28.97 23.66
CA GLU D 43 0.52 -28.55 24.94
C GLU D 43 0.65 -29.63 25.99
N ARG D 44 0.72 -30.89 25.56
CA ARG D 44 0.78 -32.05 26.45
C ARG D 44 2.22 -32.46 26.75
N SER D 45 3.11 -32.05 25.86
CA SER D 45 4.53 -32.23 26.03
C SER D 45 5.06 -31.16 26.95
N ILE D 46 4.18 -30.23 27.32
CA ILE D 46 4.52 -29.17 28.24
C ILE D 46 3.80 -29.39 29.59
N ARG D 47 4.52 -29.16 30.68
CA ARG D 47 3.95 -29.14 32.02
C ARG D 47 4.71 -28.17 32.92
N ILE D 48 3.96 -27.48 33.78
CA ILE D 48 4.49 -26.48 34.68
C ILE D 48 4.51 -26.97 36.13
N SER D 49 5.67 -26.93 36.78
CA SER D 49 5.80 -27.41 38.15
C SER D 49 5.83 -26.31 39.22
N THR D 50 4.79 -26.31 40.04
CA THR D 50 4.59 -25.38 41.14
C THR D 50 4.36 -26.24 42.39
N PRO D 51 4.83 -25.81 43.59
CA PRO D 51 4.64 -26.44 44.90
C PRO D 51 3.21 -26.74 45.29
N HIS D 52 2.32 -25.84 44.95
CA HIS D 52 0.93 -25.98 45.28
C HIS D 52 0.09 -26.13 44.05
N ASN D 53 0.67 -26.75 43.04
CA ASN D 53 -0.01 -27.04 41.78
C ASN D 53 -0.84 -25.84 41.26
N THR D 54 -0.21 -24.66 41.17
CA THR D 54 -0.90 -23.47 40.68
C THR D 54 -1.37 -23.77 39.28
N THR D 55 -2.60 -23.36 38.98
CA THR D 55 -3.27 -23.66 37.72
C THR D 55 -2.99 -22.66 36.62
N GLY D 56 -3.57 -22.90 35.46
CA GLY D 56 -3.53 -21.95 34.37
C GLY D 56 -4.26 -22.40 33.12
N HIS D 57 -3.94 -21.77 32.00
CA HIS D 57 -4.53 -22.14 30.74
C HIS D 57 -3.59 -21.81 29.60
N PHE D 58 -3.92 -22.20 28.38
CA PHE D 58 -3.05 -21.82 27.31
C PHE D 58 -3.69 -20.65 26.60
N GLU D 59 -2.85 -19.83 25.97
CA GLU D 59 -3.30 -18.72 25.14
C GLU D 59 -2.33 -18.66 23.97
N TRP D 60 -2.85 -18.74 22.75
CA TRP D 60 -2.01 -18.78 21.55
C TRP D 60 -1.86 -17.45 20.82
N ASN D 64 6.67 -21.81 16.45
CA ASN D 64 5.77 -20.72 16.83
C ASN D 64 5.69 -20.49 18.33
N VAL D 65 4.62 -19.83 18.77
CA VAL D 65 4.49 -19.31 20.12
C VAL D 65 3.17 -19.66 20.83
N VAL D 66 3.27 -20.38 21.94
CA VAL D 66 2.16 -20.55 22.86
C VAL D 66 2.57 -19.95 24.19
N ARG D 67 1.63 -19.30 24.87
CA ARG D 67 1.86 -18.90 26.26
C ARG D 67 0.86 -19.58 27.18
N TRP D 68 1.31 -19.89 28.39
CA TRP D 68 0.46 -20.46 29.43
C TRP D 68 0.48 -19.42 30.53
N VAL D 69 -0.68 -19.07 31.05
CA VAL D 69 -0.69 -17.99 31.99
C VAL D 69 -0.92 -18.54 33.38
N PRO D 70 -0.12 -18.05 34.35
CA PRO D 70 -0.36 -18.43 35.75
C PRO D 70 -1.75 -17.89 36.06
N HIS D 71 -2.54 -18.68 36.77
CA HIS D 71 -3.96 -18.44 36.66
C HIS D 71 -4.59 -17.37 37.50
N ARG D 72 -4.04 -17.12 38.68
CA ARG D 72 -4.51 -16.01 39.48
C ARG D 72 -3.29 -15.30 39.97
N TYR D 73 -2.24 -15.50 39.17
CA TYR D 73 -0.90 -14.92 39.24
C TYR D 73 0.04 -16.04 39.73
N TRP D 74 1.26 -15.71 40.08
CA TRP D 74 2.09 -16.71 40.73
C TRP D 74 1.95 -16.49 42.21
N PRO D 75 2.45 -17.41 43.01
CA PRO D 75 2.84 -17.08 44.38
C PRO D 75 4.27 -16.53 44.40
N PRO D 76 4.49 -15.40 45.11
CA PRO D 76 5.81 -14.81 45.34
C PRO D 76 6.80 -15.72 46.06
N HIS D 77 8.04 -15.79 45.58
CA HIS D 77 9.15 -16.52 46.23
C HIS D 77 8.87 -18.00 46.35
N THR D 78 7.85 -18.42 45.60
CA THR D 78 7.51 -19.81 45.40
C THR D 78 8.36 -20.23 44.23
N ARG D 79 8.99 -21.39 44.32
CA ARG D 79 9.85 -21.88 43.24
C ARG D 79 9.10 -22.49 42.06
N VAL D 80 9.35 -21.95 40.85
CA VAL D 80 8.65 -22.41 39.65
C VAL D 80 9.57 -23.16 38.68
N SER D 81 9.10 -24.32 38.24
CA SER D 81 9.78 -25.18 37.28
C SER D 81 8.92 -25.30 36.02
N VAL D 82 9.55 -25.39 34.86
CA VAL D 82 8.85 -25.44 33.58
C VAL D 82 9.29 -26.65 32.78
N GLY D 83 8.34 -27.46 32.36
CA GLY D 83 8.68 -28.65 31.61
C GLY D 83 8.37 -28.60 30.13
N VAL D 84 9.39 -28.81 29.32
CA VAL D 84 9.19 -28.82 27.88
C VAL D 84 9.93 -30.01 27.28
N GLN D 85 9.15 -31.03 26.89
CA GLN D 85 9.71 -32.31 26.46
C GLN D 85 10.75 -32.83 27.45
N GLU D 86 11.99 -32.92 26.98
CA GLU D 86 13.09 -33.49 27.73
C GLU D 86 13.83 -32.40 28.48
N LEU D 87 13.28 -31.21 28.44
CA LEU D 87 13.94 -30.05 29.01
C LEU D 87 13.15 -29.44 30.17
N THR D 88 13.89 -29.01 31.18
CA THR D 88 13.27 -28.42 32.35
C THR D 88 14.03 -27.13 32.58
N GLU D 89 13.28 -26.03 32.65
CA GLU D 89 13.84 -24.73 32.90
C GLU D 89 13.04 -24.21 34.08
N GLY D 90 13.62 -23.33 34.89
CA GLY D 90 12.89 -22.83 36.05
C GLY D 90 13.18 -21.38 36.39
N PHE D 91 12.26 -20.77 37.11
CA PHE D 91 12.42 -19.39 37.54
C PHE D 91 11.72 -19.21 38.87
N GLU D 92 12.10 -18.19 39.62
CA GLU D 92 11.37 -18.01 40.86
C GLU D 92 10.74 -16.65 40.76
N THR D 93 9.48 -16.59 41.14
CA THR D 93 8.76 -15.34 41.18
C THR D 93 8.92 -14.69 42.54
N GLY D 94 9.30 -13.41 42.54
CA GLY D 94 9.47 -12.64 43.76
C GLY D 94 8.18 -11.96 44.11
N ASP D 95 8.25 -10.79 44.73
CA ASP D 95 7.05 -10.07 45.20
C ASP D 95 5.97 -9.86 44.19
N ALA D 96 4.76 -9.65 44.73
CA ALA D 96 3.63 -9.30 43.92
C ALA D 96 3.47 -7.80 43.97
N LEU D 97 3.94 -7.16 42.92
CA LEU D 97 3.80 -5.73 42.76
C LEU D 97 2.74 -5.60 41.66
N ILE D 98 1.60 -5.00 42.00
CA ILE D 98 0.46 -4.92 41.12
C ILE D 98 0.13 -3.47 40.79
N GLY D 99 -0.13 -3.15 39.52
CA GLY D 99 -0.52 -1.80 39.15
C GLY D 99 -1.86 -1.69 38.44
N VAL D 100 -2.75 -0.84 38.96
CA VAL D 100 -4.12 -0.74 38.45
C VAL D 100 -4.48 0.66 37.96
N ALA D 101 -4.97 0.71 36.72
CA ALA D 101 -5.26 1.97 36.04
C ALA D 101 -6.76 2.21 35.89
N SER D 102 -7.33 3.06 36.74
CA SER D 102 -8.76 3.29 36.67
C SER D 102 -9.09 4.31 35.59
N ILE D 103 -9.84 3.87 34.60
CA ILE D 103 -10.24 4.70 33.47
C ILE D 103 -11.29 5.63 34.01
N SER D 104 -11.98 5.16 35.05
CA SER D 104 -13.00 5.94 35.72
C SER D 104 -12.46 7.19 36.40
N ALA D 105 -11.42 7.00 37.22
CA ALA D 105 -10.88 8.05 38.07
C ALA D 105 -9.63 8.69 37.47
N HIS D 106 -9.04 8.01 36.49
CA HIS D 106 -7.77 8.43 35.91
C HIS D 106 -6.64 8.33 36.92
N THR D 107 -6.47 7.12 37.45
CA THR D 107 -5.53 6.84 38.52
C THR D 107 -4.68 5.69 38.03
N PHE D 108 -3.48 5.56 38.59
CA PHE D 108 -2.67 4.35 38.43
C PHE D 108 -2.30 3.89 39.81
N THR D 109 -3.02 2.90 40.30
CA THR D 109 -2.79 2.41 41.65
C THR D 109 -1.78 1.26 41.70
N VAL D 110 -0.77 1.43 42.55
CA VAL D 110 0.24 0.41 42.77
C VAL D 110 0.10 -0.15 44.18
N SER D 111 0.07 -1.48 44.29
CA SER D 111 0.05 -2.13 45.57
C SER D 111 1.17 -3.16 45.55
N ARG D 112 1.73 -3.46 46.72
CA ARG D 112 2.52 -4.68 46.88
C ARG D 112 1.94 -5.40 48.10
N ASN D 113 1.37 -6.56 47.83
CA ASN D 113 0.77 -7.41 48.85
C ASN D 113 -0.25 -6.67 49.69
N GLY D 114 -1.36 -6.22 49.11
CA GLY D 114 -2.40 -5.67 49.95
C GLY D 114 -2.48 -4.17 49.93
N GLU D 115 -1.44 -3.53 50.47
CA GLU D 115 -1.42 -2.09 50.62
C GLU D 115 -0.99 -1.30 49.38
N VAL D 116 -1.85 -0.35 49.03
CA VAL D 116 -1.58 0.64 48.00
C VAL D 116 -0.44 1.49 48.49
N LEU D 117 0.48 1.78 47.58
CA LEU D 117 1.66 2.53 47.92
C LEU D 117 1.41 3.96 47.53
N ARG D 118 0.84 4.12 46.34
CA ARG D 118 0.77 5.43 45.75
C ARG D 118 -0.31 5.39 44.68
N THR D 119 -1.32 6.24 44.79
CA THR D 119 -2.39 6.34 43.79
C THR D 119 -2.01 7.51 42.90
N MET D 120 -1.50 7.20 41.72
CA MET D 120 -0.96 8.25 40.89
C MET D 120 -1.81 8.65 39.71
N PRO D 121 -2.01 9.96 39.58
CA PRO D 121 -2.76 10.54 38.48
C PRO D 121 -2.11 10.25 37.12
N ALA D 122 -2.90 9.60 36.26
CA ALA D 122 -2.40 9.12 34.99
C ALA D 122 -3.31 9.58 33.89
N SER D 123 -2.70 9.77 32.72
CA SER D 123 -3.46 10.07 31.52
C SER D 123 -3.53 8.78 30.70
N LEU D 124 -4.71 8.17 30.72
CA LEU D 124 -4.91 6.83 30.19
C LEU D 124 -5.63 6.86 28.83
N GLY D 125 -4.88 7.13 27.77
CA GLY D 125 -5.44 7.24 26.45
C GLY D 125 -5.99 8.63 26.23
N ARG D 129 -9.71 8.08 23.02
CA ARG D 129 -9.26 6.72 22.73
C ARG D 129 -8.68 6.14 24.02
N PRO D 130 -9.50 5.38 24.77
CA PRO D 130 -9.05 4.89 26.08
C PRO D 130 -7.93 3.85 26.06
N THR D 131 -7.27 3.67 27.20
CA THR D 131 -6.30 2.60 27.33
C THR D 131 -7.11 1.29 27.26
N PRO D 132 -6.74 0.38 26.35
CA PRO D 132 -7.57 -0.82 26.15
C PRO D 132 -7.62 -1.74 27.35
N ILE D 133 -8.81 -1.91 27.92
CA ILE D 133 -9.01 -2.76 29.09
C ILE D 133 -8.64 -4.20 28.81
N GLY D 134 -7.90 -4.79 29.74
CA GLY D 134 -7.44 -6.16 29.65
C GLY D 134 -6.33 -6.39 30.67
N SER D 135 -5.72 -7.57 30.65
CA SER D 135 -4.74 -7.92 31.66
C SER D 135 -3.37 -8.26 31.07
N PHE D 136 -2.37 -7.55 31.54
CA PHE D 136 -1.03 -7.67 31.00
C PHE D 136 0.06 -7.73 32.07
N HIS D 137 1.25 -8.01 31.59
CA HIS D 137 2.48 -8.02 32.36
C HIS D 137 3.49 -6.97 31.89
N ALA D 138 4.49 -6.70 32.73
CA ALA D 138 5.54 -5.76 32.40
C ALA D 138 6.56 -6.37 31.42
N MET D 139 6.58 -5.89 30.19
CA MET D 139 7.37 -6.54 29.14
C MET D 139 8.82 -6.10 29.02
N SER D 140 9.09 -4.84 29.35
CA SER D 140 10.44 -4.29 29.21
C SER D 140 10.50 -3.06 30.05
N LYS D 141 11.70 -2.67 30.46
CA LYS D 141 11.87 -1.43 31.20
C LYS D 141 12.82 -0.49 30.48
N GLU D 142 12.30 0.64 29.98
CA GLU D 142 13.11 1.58 29.21
C GLU D 142 13.29 2.99 29.81
N ARG D 143 14.52 3.29 30.19
CA ARG D 143 14.84 4.59 30.79
C ARG D 143 14.51 5.78 29.85
N THR D 144 14.94 5.73 28.58
CA THR D 144 14.49 6.70 27.57
C THR D 144 14.05 5.97 26.30
N VAL D 145 12.89 6.34 25.75
CA VAL D 145 12.40 5.76 24.49
C VAL D 145 11.94 6.79 23.46
N VAL D 146 12.40 6.67 22.22
CA VAL D 146 11.94 7.60 21.20
C VAL D 146 10.66 7.09 20.57
N MET D 147 9.63 7.94 20.57
CA MET D 147 8.33 7.60 19.97
C MET D 147 8.06 8.45 18.73
N ASP D 148 8.14 7.82 17.56
CA ASP D 148 7.82 8.47 16.31
C ASP D 148 6.69 7.72 15.60
N SER D 149 5.51 8.31 15.46
CA SER D 149 4.41 7.58 14.87
C SER D 149 4.68 7.40 13.38
N ARG D 150 5.59 8.19 12.83
CA ARG D 150 5.91 8.07 11.43
C ARG D 150 6.64 6.77 11.17
N THR D 151 7.27 6.19 12.20
CA THR D 151 8.03 4.95 12.02
C THR D 151 7.06 3.77 11.86
N ILE D 152 5.78 4.00 12.16
CA ILE D 152 4.76 2.99 11.95
C ILE D 152 3.64 3.53 11.05
N GLY D 153 3.88 4.68 10.44
CA GLY D 153 3.11 5.10 9.29
C GLY D 153 2.20 6.30 9.48
N ILE D 154 2.27 6.93 10.65
CA ILE D 154 1.34 8.00 10.96
C ILE D 154 2.01 9.38 10.89
N PRO D 155 1.51 10.25 10.00
CA PRO D 155 2.02 11.60 9.76
C PRO D 155 1.93 12.50 10.98
N LEU D 156 2.74 13.55 11.01
CA LEU D 156 2.82 14.38 12.20
C LEU D 156 1.64 15.32 12.32
N ASN D 157 0.92 15.53 11.23
CA ASN D 157 -0.31 16.32 11.27
C ASN D 157 -1.48 15.44 11.70
N SER D 158 -1.19 14.19 12.00
CA SER D 158 -2.23 13.34 12.54
C SER D 158 -2.47 13.82 13.95
N SER D 159 -3.72 13.79 14.41
CA SER D 159 -4.01 14.15 15.78
C SER D 159 -3.47 13.09 16.69
N ASP D 160 -3.32 11.88 16.17
CA ASP D 160 -2.78 10.77 16.96
C ASP D 160 -1.37 10.44 16.55
N GLY D 161 -0.65 11.44 16.06
CA GLY D 161 0.72 11.30 15.59
C GLY D 161 1.68 12.07 16.48
N TYR D 162 2.95 11.66 16.45
CA TYR D 162 3.93 12.14 17.42
C TYR D 162 5.39 11.95 17.03
N LEU D 163 6.22 12.82 17.58
CA LEU D 163 7.68 12.64 17.62
C LEU D 163 8.20 13.14 18.97
N LEU D 164 8.29 12.23 19.93
CA LEU D 164 8.81 12.57 21.26
C LEU D 164 9.54 11.40 21.90
N THR D 165 10.48 11.71 22.79
CA THR D 165 11.16 10.68 23.55
C THR D 165 10.55 10.61 24.96
N ALA D 166 9.86 9.51 25.24
CA ALA D 166 9.25 9.28 26.55
C ALA D 166 10.29 8.77 27.57
N HIS D 167 10.11 9.13 28.83
CA HIS D 167 11.04 8.72 29.88
C HIS D 167 10.44 7.66 30.82
N TYR D 168 11.29 6.77 31.32
CA TYR D 168 10.89 5.68 32.21
C TYR D 168 9.80 4.82 31.60
N ALA D 169 10.11 4.19 30.48
CA ALA D 169 9.10 3.50 29.69
C ALA D 169 9.07 1.99 29.94
N VAL D 170 7.90 1.51 30.31
CA VAL D 170 7.67 0.09 30.43
C VAL D 170 6.71 -0.32 29.32
N ARG D 171 7.11 -1.27 28.48
CA ARG D 171 6.19 -1.85 27.50
C ARG D 171 5.13 -2.68 28.22
N VAL D 172 3.88 -2.52 27.82
CA VAL D 172 2.78 -3.23 28.45
C VAL D 172 2.33 -4.36 27.54
N THR D 173 2.05 -4.03 26.29
CA THR D 173 1.63 -5.03 25.31
C THR D 173 2.60 -4.99 24.13
N TRP D 174 2.68 -6.08 23.39
CA TRP D 174 3.43 -6.17 22.13
C TRP D 174 2.99 -5.14 21.12
N SER D 175 1.71 -4.77 21.21
CA SER D 175 1.11 -3.81 20.30
C SER D 175 1.67 -2.41 20.49
N GLY D 176 2.48 -2.22 21.53
CA GLY D 176 3.15 -0.95 21.73
C GLY D 176 2.56 -0.06 22.81
N VAL D 177 1.63 -0.60 23.60
CA VAL D 177 1.10 0.13 24.73
C VAL D 177 2.22 0.19 25.76
N TYR D 178 2.36 1.34 26.43
CA TYR D 178 3.49 1.65 27.34
C TYR D 178 3.09 2.35 28.64
N VAL D 179 3.78 2.02 29.74
CA VAL D 179 3.75 2.81 30.99
C VAL D 179 4.92 3.79 30.94
N HIS D 180 4.63 5.09 30.95
CA HIS D 180 5.67 6.10 30.74
C HIS D 180 5.32 7.46 31.32
N SER D 181 6.22 8.42 31.10
CA SER D 181 5.96 9.85 31.30
C SER D 181 6.47 10.67 30.13
N ALA D 182 5.72 11.71 29.78
CA ALA D 182 6.04 12.60 28.68
C ALA D 182 4.95 13.64 28.65
N PRO D 183 5.29 14.87 28.29
CA PRO D 183 4.33 15.96 28.41
C PRO D 183 3.41 16.09 27.19
N TRP D 184 2.14 15.70 27.34
CA TRP D 184 1.28 15.53 26.18
C TRP D 184 0.35 16.71 25.91
N SER D 185 -0.50 17.07 26.88
CA SER D 185 -1.54 18.04 26.61
C SER D 185 -2.08 18.78 27.81
N ALA D 192 -3.99 15.29 29.39
CA ALA D 192 -3.06 14.89 28.35
C ALA D 192 -3.76 14.02 27.32
N ASN D 193 -3.55 14.32 26.05
CA ASN D 193 -4.19 13.63 24.95
C ASN D 193 -3.15 12.67 24.42
N VAL D 194 -2.99 11.57 25.14
CA VAL D 194 -1.95 10.58 24.89
C VAL D 194 -2.32 9.72 23.71
N SER D 195 -1.33 9.31 22.94
CA SER D 195 -1.55 8.58 21.71
C SER D 195 -1.27 7.11 21.94
N HIS D 196 -1.72 6.26 21.03
CA HIS D 196 -1.61 4.80 21.13
C HIS D 196 -2.48 4.29 22.29
N GLY D 197 -3.03 5.24 23.04
CA GLY D 197 -3.86 4.95 24.21
C GLY D 197 -2.95 4.79 25.40
N CYS D 198 -1.67 5.07 25.20
CA CYS D 198 -0.68 4.89 26.25
C CYS D 198 -1.00 5.69 27.49
N ILE D 199 -0.41 5.31 28.61
CA ILE D 199 -0.73 5.91 29.88
C ILE D 199 0.39 6.84 30.31
N ASN D 200 0.03 8.08 30.61
CA ASN D 200 1.02 9.09 30.95
C ASN D 200 0.97 9.46 32.42
N LEU D 201 2.11 9.31 33.08
CA LEU D 201 2.24 9.66 34.49
C LEU D 201 3.09 10.92 34.56
N SER D 202 3.21 11.49 35.76
CA SER D 202 4.17 12.55 35.97
C SER D 202 5.54 11.94 35.84
N PRO D 203 6.53 12.75 35.42
CA PRO D 203 7.92 12.27 35.36
C PRO D 203 8.36 11.67 36.68
N ASP D 204 7.81 12.22 37.75
CA ASP D 204 8.09 11.83 39.11
C ASP D 204 7.35 10.54 39.53
N ASN D 205 6.12 10.34 39.04
CA ASN D 205 5.35 9.12 39.34
C ASN D 205 5.89 7.90 38.60
N ALA D 206 6.20 8.10 37.33
CA ALA D 206 6.73 7.07 36.44
C ALA D 206 8.20 6.72 36.71
N ALA D 207 8.88 7.62 37.42
CA ALA D 207 10.27 7.42 37.80
C ALA D 207 10.31 6.53 39.00
N TRP D 208 9.38 6.78 39.91
CA TRP D 208 9.23 5.97 41.09
C TRP D 208 8.87 4.56 40.67
N TYR D 209 7.90 4.46 39.77
CA TYR D 209 7.41 3.19 39.22
C TYR D 209 8.51 2.46 38.44
N PHE D 210 9.38 3.19 37.78
CA PHE D 210 10.45 2.56 37.04
C PHE D 210 11.47 1.82 37.95
N ASP D 211 11.81 2.42 39.07
CA ASP D 211 12.72 1.81 40.05
C ASP D 211 12.01 0.70 40.83
N ALA D 212 10.70 0.85 40.98
CA ALA D 212 9.90 -0.10 41.72
C ALA D 212 9.42 -1.31 40.91
N VAL D 213 9.33 -1.21 39.58
CA VAL D 213 8.60 -2.24 38.82
C VAL D 213 9.55 -3.36 38.39
N THR D 214 9.04 -4.59 38.36
CA THR D 214 9.83 -5.74 37.96
C THR D 214 9.11 -6.41 36.81
N VAL D 215 9.83 -7.07 35.93
CA VAL D 215 9.19 -7.70 34.79
C VAL D 215 8.32 -8.83 35.29
N GLY D 216 7.13 -8.92 34.72
CA GLY D 216 6.16 -9.93 35.08
C GLY D 216 5.12 -9.36 36.00
N ASP D 217 5.48 -8.33 36.75
CA ASP D 217 4.56 -7.71 37.69
C ASP D 217 3.32 -7.23 36.98
N PRO D 218 2.14 -7.65 37.46
CA PRO D 218 0.86 -7.30 36.84
C PRO D 218 0.65 -5.82 36.49
N ILE D 219 0.12 -5.61 35.28
CA ILE D 219 -0.30 -4.30 34.78
C ILE D 219 -1.73 -4.45 34.24
N GLU D 220 -2.67 -3.81 34.90
CA GLU D 220 -4.07 -4.12 34.65
C GLU D 220 -4.88 -2.91 34.20
N VAL D 221 -5.56 -3.04 33.09
CA VAL D 221 -6.44 -1.98 32.64
C VAL D 221 -7.87 -2.42 32.91
N VAL D 222 -8.57 -1.61 33.69
CA VAL D 222 -9.99 -1.76 34.00
C VAL D 222 -10.46 -0.32 34.10
N GLY D 223 -11.71 -0.07 34.46
CA GLY D 223 -12.13 1.30 34.65
C GLY D 223 -13.61 1.56 34.58
#